data_7X7K
#
_entry.id   7X7K
#
_cell.length_a   79.258
_cell.length_b   77.214
_cell.length_c   93.258
_cell.angle_alpha   90.000
_cell.angle_beta   104.334
_cell.angle_gamma   90.000
#
_symmetry.space_group_name_H-M   'P 1 21 1'
#
loop_
_entity.id
_entity.type
_entity.pdbx_description
1 polymer 'FAD dependent enzyme'
2 non-polymer 'FLAVIN-ADENINE DINUCLEOTIDE'
3 non-polymer ARGININE
4 water water
#
_entity_poly.entity_id   1
_entity_poly.type   'polypeptide(L)'
_entity_poly.pdbx_seq_one_letter_code
;MGTTYTIFGAGPAGLYTAWRLVTGGKAVAGDTIQLYEWGDYAFDGPGSGTRLPAGRIVTHFCNDDPKQSYIEAGGMRFIE
WDGTKSQGHQLVTLTIQALGLSGKVIDFNTTDNPLLFLREEHIYQNDLATHPAPYNTPGNNEQPAATLFSNISALITGDA
PVSTRTQQCAFYGSGRLPSTFNSFVYPPGSIAGNIGYWNVFYDQAGNEGYEYAADAGGYTSNVINWNAANAAVYNGEFAP
GGAFKTVNGGYSQVFVQLYQQTLAAAQEAGVAFTLTQRTRLHSVWLEDDVVNYRLASAENPFKGGAVQTTQNAFLAMPPA
SLDLVAEATRYADMPEGTLDILNAEGVQLYMDGVIRQPSMRVMLFFDRPWWTDADVPYPPDLTSDGAPNTFGPTITDLPL
RQVYYFGNNSDGTANPVYGVLASYDDMQYVQFWQELEIDVGERRKVPIDQDYQVLFGPRKATDTMIRMVLLELAKVHWGD
PNAAHQIPWPVEAIFNDFSLNPFGAGYHAWAAHYDICDVMQRIRQPTGLVPGATAANLFIIGEAYSNDQAWVEGAFCTAE
SVLVDYYGMTTIADTTNYPLICACPLEHHHHHH
;
_entity_poly.pdbx_strand_id   A,B
#
# COMPACT_ATOMS: atom_id res chain seq x y z
N GLY A 2 -39.30 -8.93 -23.79
CA GLY A 2 -38.49 -7.65 -23.85
C GLY A 2 -37.00 -7.86 -23.58
N THR A 3 -36.23 -6.79 -23.53
CA THR A 3 -34.77 -6.81 -23.30
C THR A 3 -34.51 -6.32 -21.88
N THR A 4 -33.71 -7.07 -21.13
CA THR A 4 -33.33 -6.71 -19.75
C THR A 4 -31.87 -6.23 -19.70
N TYR A 5 -31.62 -5.07 -19.08
CA TYR A 5 -30.27 -4.50 -18.89
C TYR A 5 -29.98 -4.53 -17.40
N THR A 6 -28.90 -5.18 -16.99
CA THR A 6 -28.55 -5.41 -15.57
C THR A 6 -27.26 -4.64 -15.24
N ILE A 7 -27.35 -3.70 -14.33
CA ILE A 7 -26.24 -2.78 -13.96
C ILE A 7 -25.85 -3.02 -12.51
N PHE A 8 -24.59 -3.41 -12.32
CA PHE A 8 -24.02 -3.65 -10.98
C PHE A 8 -23.17 -2.44 -10.58
N GLY A 9 -23.71 -1.63 -9.65
CA GLY A 9 -23.05 -0.41 -9.18
C GLY A 9 -23.87 0.78 -9.57
N ALA A 10 -24.42 1.44 -8.57
CA ALA A 10 -25.19 2.69 -8.81
C ALA A 10 -24.35 3.88 -8.38
N GLY A 11 -23.08 3.87 -8.79
CA GLY A 11 -22.29 5.10 -8.79
C GLY A 11 -22.60 5.92 -10.03
N PRO A 12 -21.78 6.96 -10.26
CA PRO A 12 -21.92 7.80 -11.44
C PRO A 12 -22.02 7.02 -12.75
N ALA A 13 -21.17 6.01 -12.94
CA ALA A 13 -21.17 5.30 -14.25
C ALA A 13 -22.47 4.52 -14.40
N GLY A 14 -22.85 3.77 -13.37
CA GLY A 14 -24.06 2.94 -13.49
C GLY A 14 -25.35 3.77 -13.61
N LEU A 15 -25.42 4.87 -12.90
CA LEU A 15 -26.58 5.81 -12.96
C LEU A 15 -26.65 6.47 -14.33
N TYR A 16 -25.52 6.87 -14.85
CA TYR A 16 -25.43 7.56 -16.17
C TYR A 16 -25.88 6.56 -17.23
N THR A 17 -25.43 5.29 -17.12
CA THR A 17 -25.81 4.24 -18.08
C THR A 17 -27.33 4.08 -18.12
N ALA A 18 -27.99 3.91 -16.97
CA ALA A 18 -29.45 3.74 -16.92
C ALA A 18 -30.13 4.98 -17.54
N TRP A 19 -29.67 6.16 -17.19
CA TRP A 19 -30.27 7.44 -17.67
C TRP A 19 -30.20 7.48 -19.17
N ARG A 20 -29.06 7.14 -19.77
CA ARG A 20 -28.91 7.20 -21.24
C ARG A 20 -29.77 6.08 -21.88
N LEU A 21 -29.78 4.87 -21.33
CA LEU A 21 -30.63 3.78 -21.90
C LEU A 21 -32.09 4.21 -22.03
N VAL A 22 -32.63 4.90 -21.02
CA VAL A 22 -34.04 5.32 -21.03
C VAL A 22 -34.18 6.57 -21.88
N THR A 23 -33.46 7.64 -21.54
CA THR A 23 -33.76 8.97 -22.17
C THR A 23 -33.29 8.96 -23.63
N GLY A 24 -32.33 8.14 -24.00
CA GLY A 24 -31.87 7.97 -25.37
C GLY A 24 -32.73 7.03 -26.17
N GLY A 25 -33.74 6.41 -25.57
CA GLY A 25 -34.71 5.55 -26.28
C GLY A 25 -34.15 4.21 -26.69
N LYS A 26 -33.05 3.75 -26.09
CA LYS A 26 -32.54 2.38 -26.36
C LYS A 26 -33.46 1.35 -25.71
N ALA A 27 -33.71 1.50 -24.42
CA ALA A 27 -34.73 0.73 -23.67
C ALA A 27 -36.09 1.28 -24.10
N VAL A 28 -36.95 0.38 -24.57
CA VAL A 28 -38.31 0.69 -25.11
C VAL A 28 -39.36 0.04 -24.23
N ALA A 29 -40.62 0.42 -24.44
CA ALA A 29 -41.74 -0.15 -23.69
C ALA A 29 -41.57 -1.67 -23.64
N GLY A 30 -41.74 -2.24 -22.46
CA GLY A 30 -41.66 -3.69 -22.25
C GLY A 30 -40.28 -4.15 -21.85
N ASP A 31 -39.27 -3.29 -21.97
CA ASP A 31 -37.91 -3.59 -21.48
C ASP A 31 -37.79 -3.40 -19.96
N THR A 32 -36.66 -3.84 -19.43
CA THR A 32 -36.37 -3.78 -17.99
C THR A 32 -34.93 -3.30 -17.78
N ILE A 33 -34.74 -2.41 -16.80
CA ILE A 33 -33.37 -2.02 -16.35
C ILE A 33 -33.33 -2.29 -14.84
N GLN A 34 -32.44 -3.20 -14.44
CA GLN A 34 -32.26 -3.58 -13.02
C GLN A 34 -30.89 -3.05 -12.58
N LEU A 35 -30.89 -2.21 -11.55
CA LEU A 35 -29.66 -1.66 -10.93
C LEU A 35 -29.52 -2.30 -9.56
N TYR A 36 -28.33 -2.79 -9.26
CA TYR A 36 -27.96 -3.33 -7.94
C TYR A 36 -26.86 -2.45 -7.35
N GLU A 37 -27.02 -2.09 -6.09
CA GLU A 37 -26.03 -1.27 -5.36
C GLU A 37 -25.77 -1.91 -4.01
N TRP A 38 -24.52 -2.17 -3.69
CA TRP A 38 -24.10 -2.72 -2.38
C TRP A 38 -24.53 -1.75 -1.23
N GLY A 39 -24.30 -0.46 -1.43
CA GLY A 39 -24.63 0.61 -0.49
C GLY A 39 -26.11 0.84 -0.31
N ASP A 40 -26.43 1.90 0.40
CA ASP A 40 -27.80 2.34 0.68
C ASP A 40 -27.91 3.84 0.60
N TYR A 41 -27.86 4.39 -0.60
CA TYR A 41 -27.75 5.86 -0.78
C TYR A 41 -29.16 6.48 -0.77
N ALA A 42 -29.23 7.70 -0.33
CA ALA A 42 -30.52 8.44 -0.21
C ALA A 42 -30.86 9.03 -1.56
N PHE A 43 -31.58 8.25 -2.37
CA PHE A 43 -32.08 8.68 -3.71
C PHE A 43 -33.47 9.34 -3.63
N ASP A 44 -34.15 9.22 -2.51
CA ASP A 44 -35.60 9.55 -2.38
C ASP A 44 -35.76 10.55 -1.25
N GLY A 45 -34.76 11.39 -0.98
CA GLY A 45 -34.82 12.45 0.04
C GLY A 45 -34.58 11.93 1.46
N PRO A 46 -34.80 12.81 2.45
CA PRO A 46 -34.52 12.48 3.84
C PRO A 46 -35.13 11.14 4.29
N GLY A 47 -34.34 10.26 4.90
CA GLY A 47 -34.85 8.97 5.42
C GLY A 47 -34.66 7.80 4.46
N SER A 48 -34.22 8.05 3.22
CA SER A 48 -34.22 7.02 2.14
C SER A 48 -32.85 6.33 1.99
N GLY A 49 -31.86 6.70 2.79
CA GLY A 49 -30.55 6.04 2.74
C GLY A 49 -29.64 6.58 3.81
N THR A 50 -28.37 6.17 3.86
CA THR A 50 -27.45 6.52 4.99
C THR A 50 -26.55 7.71 4.65
N ARG A 51 -26.57 8.15 3.39
CA ARG A 51 -25.72 9.23 2.82
C ARG A 51 -26.30 9.59 1.46
N LEU A 52 -25.93 10.73 0.92
CA LEU A 52 -26.38 11.10 -0.43
C LEU A 52 -25.65 10.24 -1.43
N PRO A 53 -26.27 9.99 -2.59
CA PRO A 53 -25.60 9.28 -3.66
C PRO A 53 -24.45 10.12 -4.20
N ALA A 54 -23.47 9.50 -4.88
CA ALA A 54 -23.36 8.08 -5.22
C ALA A 54 -21.89 7.70 -5.34
N GLY A 55 -21.53 6.49 -4.91
CA GLY A 55 -20.14 6.06 -5.03
C GLY A 55 -19.18 7.04 -4.34
N ARG A 56 -18.18 7.50 -5.05
CA ARG A 56 -17.11 8.36 -4.47
C ARG A 56 -17.52 9.83 -4.59
N ILE A 57 -18.72 10.15 -5.04
CA ILE A 57 -19.29 11.51 -4.90
C ILE A 57 -20.20 11.51 -3.66
N VAL A 58 -19.94 12.39 -2.69
CA VAL A 58 -20.80 12.46 -1.49
C VAL A 58 -20.74 13.84 -0.90
N THR A 59 -21.79 14.62 -1.20
CA THR A 59 -21.94 15.92 -0.52
C THR A 59 -22.37 15.66 0.92
N HIS A 60 -21.72 16.29 1.90
CA HIS A 60 -22.06 16.10 3.32
C HIS A 60 -22.49 17.46 3.85
N PHE A 61 -23.75 17.52 4.28
CA PHE A 61 -24.28 18.72 4.97
C PHE A 61 -24.00 18.63 6.45
N CYS A 62 -23.58 19.72 7.06
CA CYS A 62 -23.29 19.75 8.54
C CYS A 62 -24.57 19.36 9.32
N ASN A 63 -24.45 18.44 10.28
CA ASN A 63 -25.56 18.07 11.20
C ASN A 63 -26.68 17.40 10.40
N ASP A 64 -26.40 16.90 9.19
CA ASP A 64 -27.43 16.30 8.29
C ASP A 64 -28.55 17.32 8.03
N ASP A 65 -28.23 18.60 7.96
CA ASP A 65 -29.20 19.70 7.73
C ASP A 65 -29.04 20.20 6.31
N PRO A 66 -29.97 19.92 5.38
CA PRO A 66 -29.81 20.33 4.00
C PRO A 66 -29.77 21.86 3.78
N LYS A 67 -30.06 22.67 4.81
CA LYS A 67 -29.99 24.15 4.72
C LYS A 67 -28.67 24.67 5.31
N GLN A 68 -27.86 23.77 5.84
CA GLN A 68 -26.56 24.15 6.43
C GLN A 68 -25.49 24.19 5.32
N SER A 69 -24.33 24.71 5.71
CA SER A 69 -23.06 24.57 4.95
C SER A 69 -22.80 23.08 4.74
N TYR A 70 -22.03 22.81 3.69
CA TYR A 70 -21.71 21.43 3.27
C TYR A 70 -20.26 21.45 2.82
N ILE A 71 -19.68 20.26 2.81
CA ILE A 71 -18.37 20.03 2.20
C ILE A 71 -18.52 18.79 1.34
N GLU A 72 -17.87 18.78 0.19
CA GLU A 72 -17.85 17.62 -0.68
C GLU A 72 -16.85 16.69 -0.08
N ALA A 73 -17.34 15.53 0.35
CA ALA A 73 -16.59 14.54 1.14
C ALA A 73 -15.98 13.54 0.17
N GLY A 74 -16.31 13.73 -1.11
CA GLY A 74 -15.88 12.97 -2.28
C GLY A 74 -15.49 13.93 -3.38
N GLY A 75 -15.74 13.60 -4.64
CA GLY A 75 -15.41 14.51 -5.75
C GLY A 75 -16.06 15.86 -5.57
N MET A 76 -15.44 16.97 -5.99
CA MET A 76 -15.96 18.32 -5.57
C MET A 76 -16.15 19.32 -6.73
N ARG A 77 -15.51 19.17 -7.87
CA ARG A 77 -15.58 20.23 -8.93
C ARG A 77 -15.55 19.57 -10.32
N PHE A 78 -15.82 20.35 -11.36
CA PHE A 78 -15.71 19.87 -12.73
C PHE A 78 -15.23 21.05 -13.57
N ILE A 79 -14.81 20.75 -14.78
CA ILE A 79 -14.36 21.76 -15.75
C ILE A 79 -15.48 21.96 -16.75
N GLU A 80 -16.01 23.16 -16.82
CA GLU A 80 -17.15 23.38 -17.74
C GLU A 80 -16.69 23.20 -19.17
N TRP A 81 -17.54 22.54 -19.98
CA TRP A 81 -17.25 22.34 -21.42
C TRP A 81 -17.25 23.70 -22.12
N ASP A 82 -16.17 23.98 -22.84
CA ASP A 82 -16.10 25.13 -23.78
C ASP A 82 -16.09 24.52 -25.17
N GLY A 83 -17.24 24.54 -25.87
CA GLY A 83 -17.37 23.95 -27.20
C GLY A 83 -16.57 24.74 -28.23
N THR A 84 -16.22 25.98 -27.96
CA THR A 84 -15.51 26.85 -28.94
C THR A 84 -14.06 26.37 -29.06
N LYS A 85 -13.39 26.19 -27.91
CA LYS A 85 -12.02 25.63 -27.85
C LYS A 85 -12.08 24.10 -27.77
N SER A 86 -13.24 23.50 -27.51
CA SER A 86 -13.32 22.01 -27.38
C SER A 86 -12.43 21.57 -26.19
N GLN A 87 -12.68 22.16 -25.03
CA GLN A 87 -11.91 22.01 -23.77
C GLN A 87 -12.86 21.75 -22.59
N GLY A 88 -12.62 20.75 -21.74
CA GLY A 88 -13.41 20.57 -20.50
C GLY A 88 -14.15 19.25 -20.41
N HIS A 89 -15.08 19.14 -19.43
CA HIS A 89 -15.81 17.90 -19.13
C HIS A 89 -17.13 17.91 -19.89
N GLN A 90 -17.07 17.45 -21.13
CA GLN A 90 -18.24 17.57 -22.02
C GLN A 90 -19.46 16.84 -21.50
N LEU A 91 -19.35 15.55 -21.19
CA LEU A 91 -20.56 14.82 -20.77
C LEU A 91 -21.06 15.33 -19.42
N VAL A 92 -20.18 15.72 -18.49
CA VAL A 92 -20.68 16.25 -17.19
C VAL A 92 -21.45 17.54 -17.45
N THR A 93 -20.94 18.37 -18.32
CA THR A 93 -21.59 19.68 -18.57
C THR A 93 -22.95 19.43 -19.25
N LEU A 94 -22.98 18.61 -20.27
CA LEU A 94 -24.26 18.28 -20.98
C LEU A 94 -25.29 17.65 -20.05
N THR A 95 -24.85 16.75 -19.14
CA THR A 95 -25.73 16.06 -18.21
C THR A 95 -26.32 17.06 -17.20
N ILE A 96 -25.48 17.90 -16.59
CA ILE A 96 -25.96 18.92 -15.63
C ILE A 96 -27.01 19.76 -16.37
N GLN A 97 -26.74 20.16 -17.61
CA GLN A 97 -27.73 20.95 -18.37
C GLN A 97 -29.03 20.14 -18.58
N ALA A 98 -28.95 18.90 -19.11
CA ALA A 98 -30.11 18.04 -19.38
C ALA A 98 -30.93 17.80 -18.11
N LEU A 99 -30.31 17.71 -16.93
CA LEU A 99 -31.02 17.40 -15.67
C LEU A 99 -31.64 18.66 -15.08
N GLY A 100 -31.43 19.81 -15.69
CA GLY A 100 -32.03 21.07 -15.25
C GLY A 100 -31.27 21.74 -14.12
N LEU A 101 -29.99 21.40 -13.95
CA LEU A 101 -29.17 21.85 -12.83
C LEU A 101 -28.22 22.98 -13.23
N SER A 102 -28.27 23.50 -14.47
CA SER A 102 -27.24 24.47 -14.92
C SER A 102 -27.30 25.74 -14.07
N GLY A 103 -28.50 26.04 -13.58
CA GLY A 103 -28.71 27.25 -12.74
C GLY A 103 -28.05 27.18 -11.38
N LYS A 104 -27.52 26.01 -10.99
CA LYS A 104 -26.76 25.85 -9.74
C LYS A 104 -25.26 25.85 -9.95
N VAL A 105 -24.80 26.01 -11.17
CA VAL A 105 -23.33 25.96 -11.43
C VAL A 105 -22.70 27.27 -10.98
N ILE A 106 -21.64 27.18 -10.16
CA ILE A 106 -20.89 28.35 -9.64
C ILE A 106 -19.39 28.15 -9.93
N ASP A 107 -18.65 29.24 -9.96
CA ASP A 107 -17.17 29.16 -10.01
C ASP A 107 -16.62 28.43 -8.79
N PHE A 108 -15.58 27.63 -9.04
CA PHE A 108 -14.70 27.08 -7.99
C PHE A 108 -13.34 27.77 -8.21
N ASN A 109 -13.05 28.82 -7.46
CA ASN A 109 -11.82 29.62 -7.73
C ASN A 109 -10.70 29.18 -6.79
N THR A 110 -9.47 29.17 -7.28
CA THR A 110 -8.33 28.80 -6.41
C THR A 110 -7.41 30.02 -6.34
N THR A 111 -6.72 30.17 -5.21
CA THR A 111 -5.80 31.31 -5.01
C THR A 111 -4.63 31.21 -5.98
N ASP A 112 -4.11 32.37 -6.41
CA ASP A 112 -2.88 32.41 -7.23
C ASP A 112 -1.69 32.61 -6.30
N ASN A 113 -1.93 32.75 -5.00
CA ASN A 113 -0.87 32.99 -4.01
C ASN A 113 -1.07 32.04 -2.84
N PRO A 114 -0.94 30.71 -3.05
CA PRO A 114 -1.14 29.80 -1.93
C PRO A 114 -0.06 29.98 -0.87
N LEU A 115 -0.48 29.85 0.39
CA LEU A 115 0.42 29.66 1.51
C LEU A 115 1.10 28.29 1.41
N LEU A 116 2.41 28.29 1.44
CA LEU A 116 3.22 27.04 1.44
C LEU A 116 3.81 26.87 2.82
N PHE A 117 3.64 25.70 3.42
CA PHE A 117 4.24 25.39 4.71
C PHE A 117 5.15 24.19 4.49
N LEU A 118 6.46 24.45 4.36
CA LEU A 118 7.44 23.45 3.85
C LEU A 118 8.62 23.46 4.82
N ARG A 119 8.97 22.32 5.35
CA ARG A 119 10.13 22.16 6.25
C ARG A 119 10.16 23.27 7.29
N GLU A 120 9.01 23.50 7.89
CA GLU A 120 8.77 24.42 9.02
C GLU A 120 8.88 25.87 8.55
N GLU A 121 8.94 26.16 7.26
CA GLU A 121 8.97 27.54 6.76
C GLU A 121 7.63 27.91 6.18
N HIS A 122 7.20 29.16 6.38
CA HIS A 122 5.96 29.67 5.79
C HIS A 122 6.34 30.61 4.67
N ILE A 123 5.90 30.32 3.45
CA ILE A 123 6.18 31.14 2.25
C ILE A 123 4.90 31.27 1.48
N TYR A 124 4.46 32.48 1.24
CA TYR A 124 3.41 32.68 0.22
C TYR A 124 4.07 32.50 -1.12
N GLN A 125 3.43 31.77 -2.00
CA GLN A 125 4.06 31.37 -3.28
C GLN A 125 4.59 32.61 -4.01
N ASN A 126 3.86 33.72 -3.95
CA ASN A 126 4.33 34.93 -4.65
C ASN A 126 5.69 35.38 -4.16
N ASP A 127 6.13 34.97 -2.98
CA ASP A 127 7.36 35.48 -2.31
C ASP A 127 8.55 34.54 -2.48
N LEU A 128 8.46 33.50 -3.32
CA LEU A 128 9.57 32.51 -3.46
C LEU A 128 10.87 33.16 -3.95
N ALA A 129 10.82 34.30 -4.66
CA ALA A 129 12.07 35.03 -5.01
C ALA A 129 12.67 35.64 -3.73
N THR A 130 11.85 36.04 -2.77
CA THR A 130 12.34 36.64 -1.51
C THR A 130 12.86 35.53 -0.62
N HIS A 131 12.07 34.47 -0.51
CA HIS A 131 12.26 33.37 0.44
C HIS A 131 12.19 32.07 -0.37
N PRO A 132 13.31 31.58 -0.90
CA PRO A 132 13.28 30.37 -1.71
C PRO A 132 12.77 29.22 -0.85
N ALA A 133 12.18 28.26 -1.52
CA ALA A 133 11.69 27.01 -0.86
C ALA A 133 12.91 26.28 -0.31
N PRO A 134 12.83 25.69 0.90
CA PRO A 134 13.90 25.02 1.63
C PRO A 134 14.19 23.61 1.11
N TYR A 135 14.42 23.56 -0.20
CA TYR A 135 14.79 22.36 -0.99
C TYR A 135 16.06 22.67 -1.75
N ASN A 136 16.99 21.74 -1.75
CA ASN A 136 18.30 21.97 -2.38
C ASN A 136 18.15 21.58 -3.85
N THR A 137 17.45 22.42 -4.60
CA THR A 137 17.14 22.23 -6.03
C THR A 137 17.32 23.60 -6.65
N PRO A 138 18.59 23.97 -6.92
CA PRO A 138 18.92 25.29 -7.46
C PRO A 138 18.06 25.74 -8.64
N GLY A 139 17.61 26.98 -8.58
CA GLY A 139 16.72 27.63 -9.57
C GLY A 139 15.26 27.28 -9.33
N ASN A 140 14.99 25.97 -9.27
CA ASN A 140 13.60 25.48 -9.17
C ASN A 140 13.00 26.05 -7.87
N ASN A 141 13.80 26.22 -6.82
CA ASN A 141 13.27 26.57 -5.49
C ASN A 141 12.86 28.05 -5.39
N GLU A 142 13.06 28.85 -6.44
CA GLU A 142 12.66 30.27 -6.46
C GLU A 142 11.41 30.47 -7.30
N GLN A 143 10.88 29.39 -7.88
CA GLN A 143 9.73 29.41 -8.79
C GLN A 143 8.65 28.46 -8.29
N PRO A 144 7.38 28.71 -8.64
CA PRO A 144 6.33 27.78 -8.29
C PRO A 144 6.71 26.37 -8.76
N ALA A 145 6.27 25.38 -8.00
CA ALA A 145 6.45 23.96 -8.40
C ALA A 145 5.92 23.76 -9.81
N ALA A 146 4.86 24.44 -10.22
CA ALA A 146 4.27 24.28 -11.57
C ALA A 146 5.34 24.44 -12.67
N THR A 147 6.29 25.34 -12.47
CA THR A 147 7.37 25.60 -13.47
C THR A 147 8.24 24.35 -13.64
N LEU A 148 8.57 23.70 -12.52
CA LEU A 148 9.35 22.46 -12.58
C LEU A 148 8.51 21.36 -13.25
N PHE A 149 7.24 21.22 -12.88
CA PHE A 149 6.37 20.23 -13.56
C PHE A 149 6.39 20.45 -15.09
N SER A 150 6.20 21.69 -15.51
CA SER A 150 6.21 22.05 -16.95
C SER A 150 7.55 21.73 -17.59
N ASN A 151 8.64 22.02 -16.93
CA ASN A 151 9.99 21.79 -17.47
C ASN A 151 10.21 20.29 -17.64
N ILE A 152 9.83 19.48 -16.64
CA ILE A 152 10.02 18.01 -16.76
C ILE A 152 9.15 17.49 -17.90
N SER A 153 7.91 17.93 -17.97
CA SER A 153 7.02 17.46 -19.06
C SER A 153 7.70 17.77 -20.40
N ALA A 154 8.26 18.96 -20.57
CA ALA A 154 8.89 19.33 -21.85
C ALA A 154 10.12 18.47 -22.13
N LEU A 155 10.83 18.00 -21.10
CA LEU A 155 12.01 17.12 -21.33
C LEU A 155 11.50 15.80 -21.85
N ILE A 156 10.32 15.37 -21.41
CA ILE A 156 9.76 14.06 -21.85
C ILE A 156 9.12 14.15 -23.24
N THR A 157 8.37 15.22 -23.52
CA THR A 157 7.55 15.28 -24.75
C THR A 157 8.38 15.80 -25.92
N GLY A 158 9.41 16.59 -25.67
CA GLY A 158 10.23 17.12 -26.78
C GLY A 158 9.34 17.90 -27.71
N ASP A 159 9.40 17.57 -28.99
CA ASP A 159 8.72 18.30 -30.08
C ASP A 159 7.35 17.71 -30.34
N ALA A 160 6.96 16.64 -29.64
CA ALA A 160 5.65 15.99 -29.90
C ALA A 160 4.51 16.95 -29.58
N PRO A 161 3.53 17.13 -30.49
CA PRO A 161 2.32 17.86 -30.14
C PRO A 161 1.53 17.11 -29.04
N VAL A 162 1.12 17.82 -28.00
CA VAL A 162 0.45 17.17 -26.84
C VAL A 162 -0.60 18.12 -26.26
N SER A 163 -1.19 18.95 -27.12
CA SER A 163 -2.20 19.96 -26.73
C SER A 163 -3.62 19.40 -26.96
N THR A 164 -3.82 18.45 -27.88
CA THR A 164 -5.19 17.91 -28.15
C THR A 164 -5.39 16.57 -27.46
N ARG A 165 -6.63 16.16 -27.31
CA ARG A 165 -6.96 14.87 -26.70
C ARG A 165 -6.43 13.74 -27.58
N THR A 166 -6.63 13.87 -28.90
CA THR A 166 -6.23 12.84 -29.88
C THR A 166 -4.69 12.72 -29.79
N GLN A 167 -3.98 13.85 -29.77
CA GLN A 167 -2.48 13.86 -29.85
C GLN A 167 -1.91 13.32 -28.53
N GLN A 168 -2.59 13.59 -27.40
CA GLN A 168 -2.22 13.09 -26.03
C GLN A 168 -2.42 11.58 -26.04
N CYS A 169 -3.60 11.10 -26.44
CA CYS A 169 -3.88 9.68 -26.64
C CYS A 169 -2.78 9.05 -27.50
N ALA A 170 -2.39 9.69 -28.61
CA ALA A 170 -1.34 9.15 -29.49
C ALA A 170 0.01 9.06 -28.78
N PHE A 171 0.35 10.08 -27.98
CA PHE A 171 1.60 10.09 -27.18
C PHE A 171 1.59 8.92 -26.19
N TYR A 172 0.45 8.61 -25.58
CA TYR A 172 0.46 7.42 -24.67
C TYR A 172 1.06 6.19 -25.35
N GLY A 173 0.71 5.90 -26.62
CA GLY A 173 1.11 4.61 -27.23
C GLY A 173 2.43 4.67 -27.99
N SER A 174 2.79 5.82 -28.56
CA SER A 174 3.94 5.95 -29.49
C SER A 174 4.94 7.00 -29.00
N GLY A 175 4.60 7.80 -27.97
CA GLY A 175 5.49 8.85 -27.46
C GLY A 175 6.83 8.30 -27.00
N ARG A 176 7.91 8.90 -27.47
CA ARG A 176 9.29 8.54 -27.11
C ARG A 176 10.03 9.73 -26.49
N LEU A 177 10.96 9.42 -25.58
CA LEU A 177 11.91 10.47 -25.10
C LEU A 177 12.62 11.07 -26.32
N PRO A 178 12.84 12.39 -26.38
CA PRO A 178 13.55 12.98 -27.52
C PRO A 178 15.00 12.50 -27.66
N SER A 179 15.60 12.73 -28.83
CA SER A 179 17.03 12.39 -29.12
C SER A 179 17.98 13.12 -28.19
N THR A 180 17.53 14.23 -27.65
CA THR A 180 18.26 15.11 -26.71
C THR A 180 18.04 14.72 -25.24
N PHE A 181 17.29 13.65 -24.96
CA PHE A 181 17.07 13.24 -23.55
C PHE A 181 18.43 12.95 -22.94
N ASN A 182 18.72 13.54 -21.80
CA ASN A 182 20.03 13.52 -21.13
C ASN A 182 19.84 12.71 -19.84
N SER A 183 20.20 11.45 -19.88
CA SER A 183 19.97 10.58 -18.71
C SER A 183 20.95 9.42 -18.67
N PHE A 184 21.44 9.14 -17.47
CA PHE A 184 22.17 7.87 -17.22
C PHE A 184 21.23 6.68 -17.28
N VAL A 185 19.98 6.86 -16.90
CA VAL A 185 19.01 5.76 -16.72
C VAL A 185 18.21 5.44 -17.99
N TYR A 186 17.74 6.45 -18.71
CA TYR A 186 16.82 6.28 -19.86
C TYR A 186 17.45 6.75 -21.16
N PRO A 187 17.62 5.83 -22.11
CA PRO A 187 18.17 6.21 -23.42
C PRO A 187 17.23 7.10 -24.19
N PRO A 188 17.79 7.99 -25.01
CA PRO A 188 16.99 8.75 -25.95
C PRO A 188 16.16 7.75 -26.77
N GLY A 189 14.93 8.16 -27.12
CA GLY A 189 13.98 7.35 -27.91
C GLY A 189 13.27 6.26 -27.12
N SER A 190 13.52 6.14 -25.82
CA SER A 190 12.76 5.16 -25.01
C SER A 190 11.25 5.46 -25.09
N ILE A 191 10.46 4.42 -25.04
CA ILE A 191 8.98 4.46 -25.03
C ILE A 191 8.51 5.06 -23.70
N ALA A 192 7.94 6.26 -23.73
CA ALA A 192 7.56 6.99 -22.50
C ALA A 192 6.55 6.17 -21.72
N GLY A 193 5.64 5.45 -22.38
CA GLY A 193 4.62 4.66 -21.68
C GLY A 193 5.20 3.49 -20.88
N ASN A 194 6.50 3.16 -21.06
CA ASN A 194 7.15 2.07 -20.29
C ASN A 194 8.04 2.62 -19.18
N ILE A 195 7.86 3.88 -18.88
CA ILE A 195 8.63 4.61 -17.85
C ILE A 195 7.67 5.06 -16.75
N GLY A 196 8.08 4.93 -15.50
CA GLY A 196 7.34 5.51 -14.38
C GLY A 196 7.63 6.98 -14.25
N TYR A 197 6.61 7.77 -14.06
CA TYR A 197 6.72 9.24 -14.01
C TYR A 197 7.64 9.68 -12.87
N TRP A 198 7.45 9.12 -11.69
CA TRP A 198 8.31 9.46 -10.52
C TRP A 198 9.75 9.01 -10.81
N ASN A 199 9.92 7.79 -11.30
CA ASN A 199 11.29 7.34 -11.68
C ASN A 199 11.99 8.39 -12.56
N VAL A 200 11.33 8.87 -13.61
CA VAL A 200 12.04 9.78 -14.56
C VAL A 200 12.09 11.19 -13.99
N PHE A 201 11.09 11.62 -13.25
CA PHE A 201 11.12 12.95 -12.58
C PHE A 201 12.34 13.00 -11.68
N TYR A 202 12.52 11.94 -10.89
CA TYR A 202 13.64 11.75 -9.95
C TYR A 202 14.98 11.72 -10.67
N ASP A 203 15.06 10.96 -11.77
CA ASP A 203 16.27 10.97 -12.63
C ASP A 203 16.64 12.40 -13.09
N GLN A 204 15.66 13.17 -13.54
CA GLN A 204 15.95 14.45 -14.18
C GLN A 204 16.09 15.59 -13.16
N ALA A 205 15.39 15.54 -12.02
CA ALA A 205 15.32 16.70 -11.10
C ALA A 205 15.94 16.36 -9.75
N GLY A 206 16.40 15.13 -9.54
CA GLY A 206 16.95 14.64 -8.27
C GLY A 206 15.88 14.51 -7.20
N ASN A 207 16.26 13.98 -6.05
CA ASN A 207 15.28 13.77 -4.95
C ASN A 207 14.76 15.12 -4.46
N GLU A 208 15.58 16.16 -4.39
CA GLU A 208 15.12 17.46 -3.84
C GLU A 208 14.19 18.15 -4.84
N GLY A 209 14.39 17.99 -6.14
CA GLY A 209 13.44 18.54 -7.12
C GLY A 209 12.12 17.76 -7.10
N TYR A 210 12.20 16.44 -7.00
CA TYR A 210 10.99 15.62 -6.85
C TYR A 210 10.21 16.01 -5.59
N GLU A 211 10.89 16.10 -4.45
CA GLU A 211 10.23 16.38 -3.16
C GLU A 211 9.57 17.76 -3.24
N TYR A 212 10.25 18.73 -3.82
CA TYR A 212 9.67 20.08 -3.91
C TYR A 212 8.38 20.04 -4.75
N ALA A 213 8.41 19.34 -5.88
CA ALA A 213 7.22 19.21 -6.74
C ALA A 213 6.09 18.45 -6.01
N ALA A 214 6.43 17.38 -5.30
CA ALA A 214 5.44 16.54 -4.59
C ALA A 214 4.83 17.34 -3.44
N ASP A 215 5.63 18.15 -2.76
CA ASP A 215 5.17 18.90 -1.57
C ASP A 215 4.49 20.20 -1.93
N ALA A 216 4.96 20.93 -2.94
CA ALA A 216 4.48 22.31 -3.19
C ALA A 216 3.57 22.38 -4.42
N GLY A 217 3.45 21.30 -5.16
CA GLY A 217 2.59 21.28 -6.35
C GLY A 217 1.10 21.54 -6.03
N GLY A 218 0.42 22.19 -6.96
CA GLY A 218 -1.01 22.50 -6.84
C GLY A 218 -1.89 21.28 -6.65
N TYR A 219 -3.12 21.53 -6.21
CA TYR A 219 -4.31 20.62 -6.23
C TYR A 219 -4.10 19.45 -7.19
N THR A 220 -4.12 19.72 -8.49
CA THR A 220 -4.30 18.68 -9.55
C THR A 220 -2.97 17.99 -9.88
N SER A 221 -1.84 18.51 -9.40
CA SER A 221 -0.51 17.94 -9.73
C SER A 221 -0.46 16.53 -9.14
N ASN A 222 0.25 15.64 -9.83
CA ASN A 222 0.23 14.18 -9.55
C ASN A 222 1.62 13.62 -9.84
N VAL A 223 2.38 13.34 -8.77
CA VAL A 223 3.80 12.85 -8.80
C VAL A 223 3.89 11.35 -8.48
N ILE A 224 2.77 10.62 -8.49
CA ILE A 224 2.93 9.17 -8.22
C ILE A 224 3.62 8.51 -9.42
N ASN A 225 4.02 7.25 -9.28
CA ASN A 225 4.87 6.61 -10.31
C ASN A 225 4.01 5.99 -11.39
N TRP A 226 3.17 6.79 -11.99
CA TRP A 226 2.24 6.33 -13.05
C TRP A 226 2.89 6.50 -14.41
N ASN A 227 2.14 6.12 -15.44
CA ASN A 227 2.62 6.08 -16.83
C ASN A 227 3.23 7.44 -17.20
N ALA A 228 4.51 7.46 -17.58
CA ALA A 228 5.22 8.74 -17.76
C ALA A 228 4.69 9.47 -19.00
N ALA A 229 4.22 8.74 -19.99
CA ALA A 229 3.69 9.36 -21.23
C ALA A 229 2.42 10.13 -20.84
N ASN A 230 1.50 9.48 -20.15
CA ASN A 230 0.26 10.16 -19.71
C ASN A 230 0.60 11.25 -18.68
N ALA A 231 1.46 10.99 -17.70
CA ALA A 231 1.79 12.00 -16.69
C ALA A 231 2.41 13.22 -17.36
N ALA A 232 3.27 13.04 -18.35
CA ALA A 232 3.97 14.22 -18.95
C ALA A 232 2.92 15.14 -19.59
N VAL A 233 1.95 14.57 -20.29
CA VAL A 233 0.94 15.41 -20.99
C VAL A 233 -0.09 15.95 -19.98
N TYR A 234 -0.38 15.27 -18.87
CA TYR A 234 -1.40 15.73 -17.87
C TYR A 234 -0.80 16.67 -16.80
N ASN A 235 0.53 16.79 -16.65
CA ASN A 235 1.22 17.68 -15.68
C ASN A 235 1.87 18.82 -16.43
N GLY A 236 1.83 18.77 -17.75
CA GLY A 236 2.59 19.68 -18.63
C GLY A 236 1.99 21.07 -18.67
N GLU A 237 2.69 21.97 -19.34
CA GLU A 237 2.19 23.36 -19.46
C GLU A 237 0.84 23.30 -20.18
N PHE A 238 0.68 22.24 -20.98
CA PHE A 238 -0.39 22.00 -21.97
C PHE A 238 -1.30 20.86 -21.50
N ALA A 239 -1.36 20.62 -20.19
CA ALA A 239 -2.37 19.78 -19.49
C ALA A 239 -3.77 20.23 -19.86
N PRO A 240 -4.75 19.30 -19.85
CA PRO A 240 -6.16 19.63 -20.08
C PRO A 240 -6.57 20.74 -19.12
N GLY A 241 -7.21 21.78 -19.64
CA GLY A 241 -7.61 22.96 -18.86
C GLY A 241 -9.10 23.27 -19.04
N GLY A 242 -9.43 24.53 -18.78
CA GLY A 242 -10.81 25.02 -18.75
C GLY A 242 -11.14 25.63 -17.40
N ALA A 243 -12.33 26.20 -17.29
CA ALA A 243 -12.81 26.90 -16.09
C ALA A 243 -13.35 25.87 -15.08
N PHE A 244 -12.86 25.91 -13.85
CA PHE A 244 -13.38 25.03 -12.74
C PHE A 244 -14.68 25.59 -12.15
N LYS A 245 -15.62 24.68 -11.94
CA LYS A 245 -17.00 24.98 -11.48
C LYS A 245 -17.35 24.01 -10.38
N THR A 246 -18.37 24.30 -9.63
CA THR A 246 -19.04 23.25 -8.83
C THR A 246 -20.54 23.49 -8.87
N VAL A 247 -21.25 22.54 -8.31
CA VAL A 247 -22.73 22.54 -8.27
C VAL A 247 -23.12 23.06 -6.89
N ASN A 248 -23.66 24.26 -6.82
CA ASN A 248 -24.06 24.81 -5.51
C ASN A 248 -25.17 23.92 -4.95
N GLY A 249 -25.07 23.58 -3.67
CA GLY A 249 -25.92 22.58 -3.04
C GLY A 249 -25.35 21.20 -3.12
N GLY A 250 -24.23 21.05 -3.82
CA GLY A 250 -23.55 19.75 -3.80
C GLY A 250 -23.62 19.03 -5.12
N TYR A 251 -22.52 18.33 -5.45
CA TYR A 251 -22.46 17.46 -6.63
C TYR A 251 -23.41 16.26 -6.50
N SER A 252 -23.75 15.84 -5.29
CA SER A 252 -24.64 14.68 -5.09
C SER A 252 -26.00 14.87 -5.77
N GLN A 253 -26.47 16.11 -5.93
CA GLN A 253 -27.81 16.28 -6.53
C GLN A 253 -27.79 15.82 -8.00
N VAL A 254 -26.64 15.86 -8.68
CA VAL A 254 -26.51 15.30 -10.05
C VAL A 254 -27.02 13.86 -10.02
N PHE A 255 -26.58 13.09 -9.03
CA PHE A 255 -26.84 11.63 -8.96
C PHE A 255 -28.25 11.35 -8.44
N VAL A 256 -28.73 12.13 -7.50
CA VAL A 256 -30.16 12.10 -7.09
C VAL A 256 -31.01 12.31 -8.34
N GLN A 257 -30.70 13.36 -9.10
CA GLN A 257 -31.49 13.70 -10.31
C GLN A 257 -31.33 12.66 -11.41
N LEU A 258 -30.16 12.09 -11.64
CA LEU A 258 -30.06 10.96 -12.60
C LEU A 258 -31.09 9.86 -12.24
N TYR A 259 -31.15 9.48 -10.98
CA TYR A 259 -32.01 8.39 -10.54
C TYR A 259 -33.47 8.82 -10.73
N GLN A 260 -33.83 10.00 -10.18
CA GLN A 260 -35.27 10.41 -10.14
C GLN A 260 -35.75 10.58 -11.58
N GLN A 261 -34.94 11.22 -12.41
CA GLN A 261 -35.38 11.57 -13.79
C GLN A 261 -35.39 10.31 -14.65
N THR A 262 -34.46 9.38 -14.45
CA THR A 262 -34.52 8.08 -15.13
C THR A 262 -35.83 7.33 -14.75
N LEU A 263 -36.19 7.33 -13.48
CA LEU A 263 -37.41 6.62 -13.00
C LEU A 263 -38.65 7.26 -13.65
N ALA A 264 -38.71 8.59 -13.65
CA ALA A 264 -39.87 9.30 -14.25
C ALA A 264 -39.94 8.98 -15.74
N ALA A 265 -38.81 9.03 -16.43
CA ALA A 265 -38.78 8.81 -17.89
C ALA A 265 -39.10 7.36 -18.20
N ALA A 266 -38.65 6.43 -17.34
CA ALA A 266 -38.90 4.99 -17.53
C ALA A 266 -40.41 4.76 -17.39
N GLN A 267 -41.05 5.39 -16.41
CA GLN A 267 -42.51 5.22 -16.17
C GLN A 267 -43.27 5.75 -17.38
N GLU A 268 -42.84 6.87 -17.93
CA GLU A 268 -43.51 7.47 -19.13
C GLU A 268 -43.30 6.54 -20.32
N ALA A 269 -42.14 5.86 -20.43
CA ALA A 269 -41.77 5.09 -21.63
C ALA A 269 -42.28 3.63 -21.57
N GLY A 270 -42.78 3.22 -20.40
CA GLY A 270 -43.20 1.83 -20.14
C GLY A 270 -42.00 0.91 -19.99
N VAL A 271 -40.88 1.46 -19.53
CA VAL A 271 -39.66 0.67 -19.17
C VAL A 271 -39.67 0.41 -17.66
N ALA A 272 -39.46 -0.84 -17.24
CA ALA A 272 -39.46 -1.19 -15.82
C ALA A 272 -38.04 -0.90 -15.31
N PHE A 273 -37.89 0.07 -14.44
CA PHE A 273 -36.58 0.55 -13.92
C PHE A 273 -36.61 0.34 -12.42
N THR A 274 -35.69 -0.48 -11.90
CA THR A 274 -35.67 -0.83 -10.49
C THR A 274 -34.23 -0.70 -9.97
N LEU A 275 -34.10 0.00 -8.86
CA LEU A 275 -32.84 0.07 -8.08
C LEU A 275 -33.00 -0.74 -6.80
N THR A 276 -32.16 -1.75 -6.65
CA THR A 276 -32.17 -2.67 -5.50
C THR A 276 -30.88 -2.41 -4.72
N GLN A 277 -31.00 -1.73 -3.56
CA GLN A 277 -29.84 -1.35 -2.76
C GLN A 277 -29.59 -2.46 -1.73
N ARG A 278 -28.54 -2.27 -0.94
CA ARG A 278 -28.07 -3.22 0.08
C ARG A 278 -27.92 -4.61 -0.54
N THR A 279 -27.59 -4.66 -1.83
CA THR A 279 -27.53 -5.91 -2.60
C THR A 279 -26.34 -5.78 -3.57
N ARG A 280 -25.38 -6.67 -3.45
CA ARG A 280 -24.13 -6.59 -4.22
C ARG A 280 -24.10 -7.74 -5.22
N LEU A 281 -23.41 -7.50 -6.30
CA LEU A 281 -22.89 -8.59 -7.16
C LEU A 281 -21.87 -9.37 -6.34
N HIS A 282 -22.08 -10.68 -6.20
CA HIS A 282 -21.21 -11.59 -5.44
C HIS A 282 -20.20 -12.26 -6.37
N SER A 283 -20.69 -12.80 -7.48
CA SER A 283 -19.87 -13.56 -8.43
C SER A 283 -20.46 -13.44 -9.84
N VAL A 284 -19.61 -13.52 -10.84
CA VAL A 284 -20.07 -13.43 -12.26
C VAL A 284 -19.25 -14.35 -13.11
N TRP A 285 -19.91 -14.92 -14.12
CA TRP A 285 -19.21 -15.77 -15.08
C TRP A 285 -20.06 -15.86 -16.33
N LEU A 286 -19.55 -16.53 -17.35
CA LEU A 286 -20.27 -16.61 -18.64
C LEU A 286 -20.52 -18.07 -19.01
N GLU A 287 -21.63 -18.26 -19.70
CA GLU A 287 -21.92 -19.54 -20.36
C GLU A 287 -22.29 -19.11 -21.79
N ASP A 288 -21.34 -19.24 -22.72
CA ASP A 288 -21.50 -18.66 -24.08
C ASP A 288 -21.80 -17.17 -23.86
N ASP A 289 -22.89 -16.62 -24.42
CA ASP A 289 -23.20 -15.17 -24.29
C ASP A 289 -23.99 -14.86 -23.03
N VAL A 290 -24.29 -15.85 -22.19
CA VAL A 290 -25.22 -15.66 -21.04
C VAL A 290 -24.41 -15.27 -19.81
N VAL A 291 -24.72 -14.13 -19.23
CA VAL A 291 -24.05 -13.69 -17.97
C VAL A 291 -24.73 -14.36 -16.79
N ASN A 292 -24.01 -15.25 -16.09
CA ASN A 292 -24.44 -15.92 -14.89
C ASN A 292 -23.94 -15.12 -13.71
N TYR A 293 -24.77 -14.94 -12.69
CA TYR A 293 -24.27 -14.23 -11.48
C TYR A 293 -25.02 -14.64 -10.26
N ARG A 294 -24.42 -14.32 -9.13
CA ARG A 294 -25.09 -14.42 -7.83
C ARG A 294 -25.04 -13.04 -7.19
N LEU A 295 -26.02 -12.79 -6.34
CA LEU A 295 -26.06 -11.57 -5.49
C LEU A 295 -25.87 -11.94 -4.04
N ALA A 296 -25.41 -11.00 -3.24
CA ALA A 296 -25.27 -11.17 -1.78
C ALA A 296 -25.91 -9.96 -1.13
N SER A 297 -26.48 -10.15 0.04
CA SER A 297 -27.03 -9.03 0.82
C SER A 297 -25.87 -8.26 1.43
N ALA A 298 -26.08 -6.99 1.69
CA ALA A 298 -25.07 -6.22 2.46
C ALA A 298 -24.84 -6.85 3.84
N GLU A 299 -25.87 -7.46 4.44
CA GLU A 299 -25.75 -8.10 5.80
C GLU A 299 -24.75 -9.27 5.73
N ASN A 300 -24.73 -10.00 4.62
CA ASN A 300 -23.94 -11.25 4.46
C ASN A 300 -23.25 -11.21 3.11
N PRO A 301 -22.30 -10.27 2.93
CA PRO A 301 -21.82 -9.91 1.57
C PRO A 301 -21.02 -11.01 0.87
N PHE A 302 -20.58 -12.04 1.58
CA PHE A 302 -19.72 -13.09 1.00
C PHE A 302 -20.53 -14.34 0.57
N LYS A 303 -21.84 -14.36 0.84
CA LYS A 303 -22.66 -15.57 0.59
C LYS A 303 -23.62 -15.30 -0.57
N GLY A 304 -23.43 -16.01 -1.67
CA GLY A 304 -24.25 -15.75 -2.85
C GLY A 304 -25.57 -16.48 -2.75
N GLY A 305 -26.57 -15.98 -3.44
CA GLY A 305 -27.86 -16.70 -3.58
C GLY A 305 -27.91 -17.59 -4.79
N ALA A 306 -29.12 -17.90 -5.26
CA ALA A 306 -29.28 -18.77 -6.45
C ALA A 306 -28.68 -18.06 -7.66
N VAL A 307 -28.28 -18.84 -8.64
CA VAL A 307 -27.69 -18.31 -9.89
C VAL A 307 -28.79 -17.63 -10.71
N GLN A 308 -28.52 -16.40 -11.06
CA GLN A 308 -29.33 -15.59 -11.96
C GLN A 308 -28.64 -15.48 -13.31
N THR A 309 -29.41 -15.13 -14.34
CA THR A 309 -28.84 -14.84 -15.65
C THR A 309 -29.36 -13.54 -16.26
N THR A 310 -28.54 -12.97 -17.10
CA THR A 310 -28.88 -11.81 -17.92
C THR A 310 -28.09 -11.88 -19.23
N GLN A 311 -28.62 -11.26 -20.29
CA GLN A 311 -27.92 -11.10 -21.58
C GLN A 311 -27.13 -9.80 -21.65
N ASN A 312 -27.37 -8.90 -20.70
CA ASN A 312 -26.80 -7.53 -20.74
C ASN A 312 -26.37 -7.16 -19.32
N ALA A 313 -25.06 -7.02 -19.10
CA ALA A 313 -24.50 -6.79 -17.76
C ALA A 313 -23.41 -5.73 -17.79
N PHE A 314 -23.56 -4.73 -16.91
CA PHE A 314 -22.56 -3.66 -16.74
C PHE A 314 -21.94 -3.72 -15.34
N LEU A 315 -20.63 -3.87 -15.28
CA LEU A 315 -19.86 -3.84 -14.02
C LEU A 315 -19.37 -2.40 -13.86
N ALA A 316 -20.18 -1.60 -13.16
CA ALA A 316 -19.96 -0.14 -13.06
C ALA A 316 -19.30 0.11 -11.70
N MET A 317 -18.08 -0.40 -11.58
CA MET A 317 -17.42 -0.48 -10.26
C MET A 317 -15.92 -0.43 -10.50
N PRO A 318 -15.15 0.10 -9.50
CA PRO A 318 -13.72 0.26 -9.65
C PRO A 318 -12.94 -1.04 -9.44
N PRO A 319 -11.62 -1.03 -9.78
CA PRO A 319 -10.72 -2.18 -9.69
C PRO A 319 -10.90 -2.93 -8.37
N ALA A 320 -10.85 -2.26 -7.22
CA ALA A 320 -10.93 -2.99 -5.92
C ALA A 320 -12.25 -3.72 -5.82
N SER A 321 -13.33 -3.15 -6.39
CA SER A 321 -14.68 -3.77 -6.41
C SER A 321 -14.68 -4.98 -7.35
N LEU A 322 -14.08 -4.86 -8.53
CA LEU A 322 -13.94 -5.99 -9.48
C LEU A 322 -13.15 -7.07 -8.77
N ASP A 323 -12.11 -6.69 -8.03
CA ASP A 323 -11.23 -7.70 -7.37
C ASP A 323 -12.11 -8.55 -6.43
N LEU A 324 -13.00 -7.96 -5.64
CA LEU A 324 -13.81 -8.71 -4.63
C LEU A 324 -14.73 -9.69 -5.37
N VAL A 325 -15.25 -9.29 -6.52
CA VAL A 325 -16.13 -10.20 -7.30
C VAL A 325 -15.27 -11.31 -7.88
N ALA A 326 -14.13 -10.98 -8.46
CA ALA A 326 -13.23 -12.05 -9.02
C ALA A 326 -12.83 -13.05 -7.94
N GLU A 327 -12.58 -12.60 -6.70
CA GLU A 327 -12.14 -13.54 -5.64
C GLU A 327 -13.16 -14.64 -5.44
N ALA A 328 -14.45 -14.40 -5.69
CA ALA A 328 -15.55 -15.33 -5.37
C ALA A 328 -15.55 -16.51 -6.33
N THR A 329 -14.87 -16.44 -7.48
CA THR A 329 -14.80 -17.58 -8.45
C THR A 329 -13.37 -18.04 -8.69
N ARG A 330 -12.36 -17.26 -8.30
CA ARG A 330 -10.94 -17.59 -8.61
C ARG A 330 -10.56 -19.00 -8.15
N TYR A 331 -11.04 -19.40 -6.98
CA TYR A 331 -10.64 -20.65 -6.32
C TYR A 331 -11.73 -21.70 -6.47
N ALA A 332 -12.84 -21.38 -7.14
CA ALA A 332 -14.03 -22.25 -7.22
C ALA A 332 -13.86 -23.30 -8.30
N ASP A 333 -14.53 -24.42 -8.10
CA ASP A 333 -14.68 -25.45 -9.16
C ASP A 333 -15.93 -25.08 -9.95
N MET A 334 -15.71 -24.47 -11.09
CA MET A 334 -16.81 -23.82 -11.83
C MET A 334 -17.59 -24.87 -12.60
N PRO A 335 -18.86 -24.56 -12.94
CA PRO A 335 -19.70 -25.47 -13.72
C PRO A 335 -19.04 -25.74 -15.06
N GLU A 336 -19.36 -26.92 -15.59
CA GLU A 336 -18.96 -27.36 -16.94
C GLU A 336 -19.41 -26.30 -17.95
N GLY A 337 -18.54 -25.97 -18.89
CA GLY A 337 -18.84 -25.14 -20.07
C GLY A 337 -18.86 -23.67 -19.75
N THR A 338 -18.33 -23.26 -18.61
CA THR A 338 -18.36 -21.81 -18.23
C THR A 338 -17.01 -21.14 -18.45
N LEU A 339 -17.05 -19.80 -18.56
CA LEU A 339 -15.85 -18.97 -18.63
C LEU A 339 -15.82 -18.03 -17.42
N ASP A 340 -14.82 -18.23 -16.57
CA ASP A 340 -14.66 -17.39 -15.35
C ASP A 340 -14.00 -16.09 -15.76
N ILE A 341 -14.81 -15.20 -16.36
CA ILE A 341 -14.31 -14.09 -17.21
C ILE A 341 -13.34 -13.17 -16.43
N LEU A 342 -13.65 -12.83 -15.21
CA LEU A 342 -12.82 -11.80 -14.53
C LEU A 342 -11.45 -12.40 -14.15
N ASN A 343 -11.33 -13.73 -14.09
CA ASN A 343 -10.05 -14.37 -13.73
C ASN A 343 -9.30 -14.89 -14.98
N ALA A 344 -9.79 -14.58 -16.18
CA ALA A 344 -9.00 -14.87 -17.38
C ALA A 344 -7.68 -14.09 -17.34
N GLU A 345 -6.63 -14.64 -17.94
CA GLU A 345 -5.26 -14.10 -17.81
C GLU A 345 -5.24 -12.68 -18.42
N GLY A 346 -5.83 -12.52 -19.60
CA GLY A 346 -5.79 -11.22 -20.29
C GLY A 346 -6.55 -10.16 -19.51
N VAL A 347 -7.64 -10.55 -18.89
CA VAL A 347 -8.53 -9.64 -18.13
C VAL A 347 -7.79 -9.22 -16.87
N GLN A 348 -7.25 -10.20 -16.16
CA GLN A 348 -6.41 -9.88 -14.97
C GLN A 348 -5.25 -8.97 -15.34
N LEU A 349 -4.57 -9.21 -16.45
CA LEU A 349 -3.44 -8.37 -16.86
C LEU A 349 -3.90 -6.95 -17.09
N TYR A 350 -4.96 -6.78 -17.85
CA TYR A 350 -5.44 -5.44 -18.22
C TYR A 350 -6.04 -4.76 -16.98
N MET A 351 -6.65 -5.47 -16.04
CA MET A 351 -7.13 -4.82 -14.80
C MET A 351 -5.95 -4.16 -14.06
N ASP A 352 -4.74 -4.70 -14.16
CA ASP A 352 -3.52 -4.12 -13.53
C ASP A 352 -2.94 -2.96 -14.36
N GLY A 353 -3.65 -2.49 -15.41
CA GLY A 353 -3.21 -1.35 -16.24
C GLY A 353 -3.34 -0.02 -15.53
N VAL A 354 -3.80 -0.01 -14.28
CA VAL A 354 -3.81 1.21 -13.41
C VAL A 354 -3.18 0.87 -12.06
N ILE A 355 -2.59 1.88 -11.49
CA ILE A 355 -2.16 1.86 -10.07
C ILE A 355 -3.14 2.70 -9.25
N ARG A 356 -3.10 2.50 -7.94
CA ARG A 356 -4.08 3.10 -7.00
C ARG A 356 -3.39 4.14 -6.12
N GLN A 357 -4.11 5.23 -5.90
CA GLN A 357 -3.66 6.30 -4.98
C GLN A 357 -4.69 6.32 -3.85
N PRO A 358 -4.29 6.03 -2.58
CA PRO A 358 -5.19 6.13 -1.44
C PRO A 358 -5.43 7.61 -1.12
N SER A 359 -6.61 7.91 -0.58
CA SER A 359 -7.00 9.29 -0.21
C SER A 359 -7.86 9.20 1.04
N MET A 360 -7.76 10.23 1.86
CA MET A 360 -8.58 10.37 3.06
C MET A 360 -8.96 11.85 3.10
N ARG A 361 -10.24 12.15 3.35
CA ARG A 361 -10.70 13.54 3.44
C ARG A 361 -11.29 13.75 4.80
N VAL A 362 -10.81 14.76 5.52
CA VAL A 362 -11.41 15.14 6.83
C VAL A 362 -12.15 16.44 6.62
N MET A 363 -13.41 16.44 7.02
CA MET A 363 -14.32 17.56 6.76
C MET A 363 -14.66 18.18 8.13
N LEU A 364 -14.36 19.46 8.30
CA LEU A 364 -14.51 20.11 9.63
C LEU A 364 -15.33 21.38 9.46
N PHE A 365 -16.35 21.49 10.29
CA PHE A 365 -17.22 22.69 10.29
C PHE A 365 -16.96 23.45 11.58
N PHE A 366 -16.79 24.74 11.47
CA PHE A 366 -16.48 25.64 12.60
C PHE A 366 -17.60 26.66 12.75
N ASP A 367 -17.75 27.19 13.95
CA ASP A 367 -18.81 28.19 14.18
C ASP A 367 -18.39 29.59 13.72
N ARG A 368 -17.12 29.77 13.31
CA ARG A 368 -16.65 31.07 12.78
C ARG A 368 -15.46 30.78 11.89
N PRO A 369 -15.18 31.66 10.91
CA PRO A 369 -14.04 31.49 10.00
C PRO A 369 -12.74 31.96 10.67
N TRP A 370 -12.24 31.16 11.62
CA TRP A 370 -11.14 31.58 12.53
C TRP A 370 -9.89 31.95 11.72
N TRP A 371 -9.75 31.36 10.54
CA TRP A 371 -8.54 31.54 9.69
C TRP A 371 -8.50 32.96 9.12
N THR A 372 -9.61 33.70 9.23
CA THR A 372 -9.68 35.12 8.76
C THR A 372 -9.42 36.07 9.93
N ASP A 373 -9.25 35.61 11.15
CA ASP A 373 -9.09 36.50 12.33
C ASP A 373 -7.82 37.36 12.21
N ALA A 374 -7.83 38.63 12.64
CA ALA A 374 -6.75 39.56 12.28
C ALA A 374 -5.43 39.15 12.96
N ASP A 375 -5.46 38.37 14.05
CA ASP A 375 -4.22 37.99 14.79
C ASP A 375 -3.63 36.69 14.22
N VAL A 376 -4.23 36.08 13.20
CA VAL A 376 -3.62 34.88 12.57
C VAL A 376 -2.36 35.28 11.83
N PRO A 377 -1.19 34.72 12.20
CA PRO A 377 0.09 35.09 11.59
C PRO A 377 0.14 34.86 10.09
N TYR A 378 -0.35 33.69 9.63
CA TYR A 378 -0.25 33.25 8.22
C TYR A 378 -1.63 32.85 7.71
N PRO A 379 -2.54 33.80 7.47
CA PRO A 379 -3.87 33.49 6.99
C PRO A 379 -3.79 33.00 5.55
N PRO A 380 -4.75 32.18 5.09
CA PRO A 380 -4.79 31.83 3.67
C PRO A 380 -5.13 33.07 2.83
N ASP A 381 -4.62 33.24 1.58
CA ASP A 381 -4.87 34.47 0.75
C ASP A 381 -6.10 34.19 -0.13
N LEU A 382 -7.29 34.22 0.45
CA LEU A 382 -8.55 33.79 -0.19
C LEU A 382 -9.21 34.99 -0.85
N THR A 383 -8.60 36.17 -0.64
CA THR A 383 -8.92 37.49 -1.22
C THR A 383 -7.70 37.96 -2.04
N SER A 384 -7.88 38.85 -3.00
CA SER A 384 -6.74 39.59 -3.61
C SER A 384 -7.30 40.88 -4.23
N ASP A 385 -6.47 41.93 -4.26
CA ASP A 385 -6.85 43.32 -4.67
C ASP A 385 -7.52 43.29 -6.06
N GLY A 386 -7.02 42.47 -7.00
CA GLY A 386 -7.46 42.42 -8.41
C GLY A 386 -7.93 41.03 -8.85
N ALA A 387 -8.42 40.20 -7.91
CA ALA A 387 -9.01 38.86 -8.18
C ALA A 387 -10.25 38.62 -7.32
N PRO A 388 -11.20 37.76 -7.76
CA PRO A 388 -12.33 37.35 -6.92
C PRO A 388 -11.88 36.39 -5.81
N ASN A 389 -12.72 36.19 -4.79
CA ASN A 389 -12.39 35.33 -3.61
C ASN A 389 -12.29 33.86 -4.05
N THR A 390 -11.69 33.03 -3.20
CA THR A 390 -11.25 31.66 -3.60
C THR A 390 -11.31 30.70 -2.41
N PHE A 391 -11.15 29.42 -2.68
CA PHE A 391 -11.25 28.36 -1.65
C PHE A 391 -9.87 27.94 -1.16
N GLY A 392 -8.82 28.59 -1.60
CA GLY A 392 -7.46 28.13 -1.29
C GLY A 392 -6.86 27.52 -2.53
N PRO A 393 -6.03 26.48 -2.43
CA PRO A 393 -5.67 25.82 -1.17
C PRO A 393 -4.51 26.45 -0.40
N THR A 394 -4.26 25.90 0.76
CA THR A 394 -2.95 25.98 1.44
C THR A 394 -2.25 24.65 1.18
N ILE A 395 -0.95 24.70 0.93
CA ILE A 395 -0.18 23.52 0.45
C ILE A 395 0.97 23.26 1.40
N THR A 396 1.16 21.99 1.82
CA THR A 396 2.16 21.72 2.86
C THR A 396 2.93 20.44 2.53
N ASP A 397 4.04 20.27 3.25
CA ASP A 397 4.79 19.01 3.22
C ASP A 397 4.39 18.07 4.35
N LEU A 398 3.28 18.34 5.03
CA LEU A 398 2.81 17.48 6.13
C LEU A 398 1.96 16.32 5.60
N PRO A 399 1.64 15.33 6.44
CA PRO A 399 0.59 14.37 6.12
C PRO A 399 -0.67 15.10 5.64
N LEU A 400 -1.03 16.17 6.33
CA LEU A 400 -2.15 17.04 5.90
C LEU A 400 -1.62 17.86 4.73
N ARG A 401 -1.74 17.38 3.52
CA ARG A 401 -0.96 17.96 2.38
C ARG A 401 -1.63 19.20 1.77
N GLN A 402 -2.96 19.32 1.88
CA GLN A 402 -3.65 20.49 1.28
C GLN A 402 -4.84 20.84 2.15
N VAL A 403 -5.19 22.11 2.17
CA VAL A 403 -6.37 22.61 2.92
C VAL A 403 -7.21 23.47 1.98
N TYR A 404 -8.52 23.23 1.94
CA TYR A 404 -9.47 24.09 1.23
C TYR A 404 -10.43 24.71 2.27
N TYR A 405 -10.85 25.95 2.01
CA TYR A 405 -11.61 26.79 2.98
C TYR A 405 -12.92 27.16 2.28
N PHE A 406 -13.96 26.39 2.53
CA PHE A 406 -15.29 26.57 1.89
C PHE A 406 -16.11 27.60 2.65
N GLY A 407 -15.91 27.73 3.96
CA GLY A 407 -16.62 28.73 4.75
C GLY A 407 -18.11 28.49 4.69
N ASN A 408 -18.89 29.56 4.63
CA ASN A 408 -20.37 29.50 4.69
C ASN A 408 -20.93 29.35 3.30
N ASN A 409 -21.27 28.14 2.89
CA ASN A 409 -22.00 27.87 1.63
C ASN A 409 -23.43 27.37 1.96
N SER A 410 -23.99 27.79 3.09
CA SER A 410 -25.34 27.38 3.55
C SER A 410 -26.44 27.95 2.65
N ASP A 411 -27.60 27.33 2.69
CA ASP A 411 -28.76 27.84 1.92
C ASP A 411 -29.96 28.03 2.88
N GLY A 412 -29.88 28.99 3.78
CA GLY A 412 -31.03 29.48 4.55
C GLY A 412 -31.07 29.07 6.03
N THR A 413 -29.98 28.57 6.61
CA THR A 413 -29.90 28.37 8.08
C THR A 413 -29.70 29.74 8.74
N ALA A 414 -30.18 29.91 9.97
CA ALA A 414 -29.95 31.12 10.79
C ALA A 414 -28.61 31.04 11.54
N ASN A 415 -27.97 29.86 11.65
CA ASN A 415 -26.67 29.70 12.37
C ASN A 415 -25.66 29.00 11.48
N PRO A 416 -25.14 29.69 10.47
CA PRO A 416 -24.25 29.02 9.54
C PRO A 416 -22.93 28.64 10.19
N VAL A 417 -22.38 27.59 9.63
CA VAL A 417 -21.03 27.10 9.99
C VAL A 417 -20.12 27.31 8.79
N TYR A 418 -18.81 27.19 9.04
CA TYR A 418 -17.72 27.54 8.11
C TYR A 418 -16.85 26.30 7.92
N GLY A 419 -16.81 25.80 6.70
CA GLY A 419 -16.22 24.49 6.46
C GLY A 419 -14.79 24.54 5.96
N VAL A 420 -14.06 23.51 6.35
CA VAL A 420 -12.63 23.27 5.99
C VAL A 420 -12.51 21.82 5.53
N LEU A 421 -11.78 21.59 4.43
CA LEU A 421 -11.48 20.25 3.88
C LEU A 421 -9.98 20.02 4.05
N ALA A 422 -9.63 18.98 4.79
CA ALA A 422 -8.24 18.58 5.04
C ALA A 422 -7.98 17.34 4.21
N SER A 423 -6.98 17.39 3.33
CA SER A 423 -6.66 16.27 2.40
C SER A 423 -5.41 15.53 2.87
N TYR A 424 -5.56 14.21 3.02
CA TYR A 424 -4.44 13.27 3.22
C TYR A 424 -4.40 12.36 2.03
N ASP A 425 -3.24 12.23 1.40
CA ASP A 425 -3.18 11.35 0.21
C ASP A 425 -1.88 10.55 0.27
N ASP A 426 -1.87 9.50 -0.55
CA ASP A 426 -0.66 8.81 -1.04
C ASP A 426 -0.31 7.61 -0.18
N MET A 427 0.33 6.68 -0.85
CA MET A 427 0.79 5.44 -0.20
C MET A 427 1.67 5.76 1.03
N GLN A 428 2.45 6.81 0.98
CA GLN A 428 3.29 7.18 2.14
C GLN A 428 2.45 7.26 3.41
N TYR A 429 1.27 7.86 3.33
CA TYR A 429 0.56 8.32 4.55
C TYR A 429 -0.62 7.46 4.92
N VAL A 430 -1.03 6.46 4.12
CA VAL A 430 -2.26 5.68 4.47
C VAL A 430 -2.14 5.12 5.88
N GLN A 431 -1.01 4.52 6.25
CA GLN A 431 -0.87 3.88 7.59
C GLN A 431 -0.82 4.95 8.69
N PHE A 432 -0.39 6.16 8.34
CA PHE A 432 -0.39 7.30 9.28
C PHE A 432 -1.84 7.64 9.62
N TRP A 433 -2.73 7.81 8.63
CA TRP A 433 -4.09 8.30 8.94
C TRP A 433 -4.97 7.18 9.51
N GLN A 434 -4.71 5.92 9.17
CA GLN A 434 -5.70 4.88 9.50
C GLN A 434 -5.78 4.70 11.02
N GLU A 435 -4.70 4.88 11.77
CA GLU A 435 -4.79 4.63 13.23
C GLU A 435 -5.52 5.79 13.92
N LEU A 436 -5.74 6.92 13.26
CA LEU A 436 -6.51 8.02 13.85
C LEU A 436 -8.00 7.70 13.75
N GLU A 437 -8.41 6.63 13.05
CA GLU A 437 -9.81 6.33 12.76
C GLU A 437 -10.49 5.62 13.93
N ILE A 438 -9.72 5.15 14.90
CA ILE A 438 -10.22 4.39 16.07
C ILE A 438 -9.91 5.25 17.30
N ASP A 439 -10.87 5.29 18.21
CA ASP A 439 -10.72 6.07 19.46
C ASP A 439 -9.49 5.60 20.23
N VAL A 440 -8.80 6.50 20.89
CA VAL A 440 -7.53 6.16 21.59
C VAL A 440 -7.80 5.31 22.83
N GLY A 441 -9.07 5.25 23.27
CA GLY A 441 -9.45 4.37 24.37
C GLY A 441 -9.77 2.95 23.94
N GLU A 442 -9.77 2.65 22.65
CA GLU A 442 -10.39 1.42 22.12
C GLU A 442 -9.46 0.65 21.21
N ARG A 443 -9.71 -0.64 21.19
CA ARG A 443 -9.08 -1.58 20.22
C ARG A 443 -9.87 -1.52 18.92
N ARG A 444 -9.22 -1.92 17.84
CA ARG A 444 -9.92 -2.15 16.56
C ARG A 444 -10.94 -3.27 16.72
N LYS A 445 -12.11 -3.12 16.09
CA LYS A 445 -13.22 -4.10 16.24
C LYS A 445 -13.64 -4.67 14.89
N VAL A 446 -13.36 -3.94 13.80
CA VAL A 446 -13.75 -4.38 12.44
C VAL A 446 -12.50 -4.73 11.66
N PRO A 447 -12.40 -5.94 11.06
CA PRO A 447 -11.26 -6.18 10.15
C PRO A 447 -11.17 -5.09 9.08
N ILE A 448 -9.96 -4.63 8.82
CA ILE A 448 -9.75 -3.42 7.99
C ILE A 448 -10.36 -3.65 6.61
N ASP A 449 -10.16 -4.81 6.00
CA ASP A 449 -10.71 -5.03 4.63
C ASP A 449 -12.24 -5.24 4.61
N GLN A 450 -12.93 -5.22 5.74
CA GLN A 450 -14.41 -5.36 5.86
C GLN A 450 -15.01 -4.07 6.44
N ASP A 451 -14.23 -3.00 6.59
CA ASP A 451 -14.76 -1.73 7.13
C ASP A 451 -15.17 -0.87 5.93
N TYR A 452 -16.41 -1.00 5.52
CA TYR A 452 -16.94 -0.37 4.27
C TYR A 452 -17.40 1.06 4.62
N GLN A 453 -16.49 1.85 5.10
CA GLN A 453 -16.84 3.14 5.78
C GLN A 453 -17.44 4.13 4.79
N VAL A 454 -16.80 4.35 3.66
CA VAL A 454 -17.28 5.36 2.68
C VAL A 454 -18.59 4.89 2.09
N LEU A 455 -18.78 3.57 1.92
CA LEU A 455 -20.05 3.04 1.37
C LEU A 455 -21.20 3.48 2.29
N PHE A 456 -21.00 3.46 3.61
CA PHE A 456 -22.06 3.85 4.57
C PHE A 456 -22.22 5.36 4.64
N GLY A 457 -21.09 6.08 4.72
CA GLY A 457 -21.11 7.55 4.74
C GLY A 457 -20.01 8.08 5.65
N PRO A 458 -19.76 9.40 5.59
CA PRO A 458 -18.70 9.99 6.38
C PRO A 458 -18.84 9.65 7.85
N ARG A 459 -17.73 9.23 8.43
CA ARG A 459 -17.69 8.71 9.79
C ARG A 459 -17.25 9.82 10.74
N LYS A 460 -17.90 9.89 11.90
CA LYS A 460 -17.47 10.84 12.94
C LYS A 460 -15.96 10.75 13.16
N ALA A 461 -15.25 11.88 13.15
CA ALA A 461 -13.81 11.96 13.44
C ALA A 461 -13.65 11.69 14.93
N THR A 462 -12.69 10.86 15.28
CA THR A 462 -12.31 10.63 16.69
C THR A 462 -11.70 11.92 17.25
N ASP A 463 -11.68 12.05 18.58
CA ASP A 463 -11.05 13.22 19.22
C ASP A 463 -9.55 13.28 18.86
N THR A 464 -8.88 12.14 18.74
CA THR A 464 -7.47 12.11 18.33
C THR A 464 -7.32 12.68 16.91
N MET A 465 -8.18 12.26 15.96
CA MET A 465 -8.12 12.74 14.57
C MET A 465 -8.36 14.26 14.56
N ILE A 466 -9.37 14.75 15.29
CA ILE A 466 -9.65 16.21 15.30
C ILE A 466 -8.44 16.95 15.85
N ARG A 467 -7.89 16.50 16.97
CA ARG A 467 -6.75 17.19 17.62
C ARG A 467 -5.54 17.15 16.68
N MET A 468 -5.30 16.03 15.95
CA MET A 468 -4.22 15.96 14.96
C MET A 468 -4.41 17.02 13.89
N VAL A 469 -5.61 17.14 13.35
CA VAL A 469 -5.87 18.13 12.28
C VAL A 469 -5.66 19.52 12.87
N LEU A 470 -6.19 19.82 14.05
CA LEU A 470 -6.03 21.19 14.61
C LEU A 470 -4.56 21.46 14.88
N LEU A 471 -3.78 20.46 15.31
CA LEU A 471 -2.33 20.65 15.53
C LEU A 471 -1.69 21.06 14.19
N GLU A 472 -2.01 20.35 13.09
CA GLU A 472 -1.38 20.65 11.78
C GLU A 472 -1.85 22.04 11.31
N LEU A 473 -3.12 22.40 11.51
CA LEU A 473 -3.63 23.72 11.11
C LEU A 473 -2.99 24.81 11.96
N ALA A 474 -2.69 24.54 13.22
CA ALA A 474 -1.97 25.52 14.08
C ALA A 474 -0.54 25.74 13.58
N LYS A 475 0.17 24.67 13.22
CA LYS A 475 1.51 24.78 12.61
C LYS A 475 1.43 25.60 11.33
N VAL A 476 0.47 25.32 10.49
CA VAL A 476 0.28 26.04 9.20
C VAL A 476 0.01 27.51 9.45
N HIS A 477 -0.97 27.87 10.29
CA HIS A 477 -1.52 29.25 10.26
C HIS A 477 -0.88 30.09 11.37
N TRP A 478 -0.30 29.45 12.38
CA TRP A 478 0.45 30.18 13.45
C TRP A 478 1.94 29.91 13.50
N GLY A 479 2.43 28.78 12.98
CA GLY A 479 3.82 28.37 13.15
C GLY A 479 4.11 28.06 14.60
N ASP A 480 3.11 27.61 15.35
CA ASP A 480 3.31 27.24 16.76
C ASP A 480 2.35 26.12 17.12
N PRO A 481 2.80 24.89 17.37
CA PRO A 481 1.85 23.81 17.66
C PRO A 481 0.96 24.11 18.89
N ASN A 482 1.46 24.89 19.83
CA ASN A 482 0.69 25.31 21.03
C ASN A 482 -0.46 26.23 20.67
N ALA A 483 -0.49 26.81 19.47
CA ALA A 483 -1.63 27.63 19.01
C ALA A 483 -2.86 26.78 18.71
N ALA A 484 -2.77 25.44 18.74
CA ALA A 484 -3.95 24.60 18.49
C ALA A 484 -5.07 24.95 19.48
N HIS A 485 -4.70 25.39 20.69
CA HIS A 485 -5.68 25.79 21.74
C HIS A 485 -6.48 27.00 21.27
N GLN A 486 -6.05 27.74 20.26
CA GLN A 486 -6.74 28.97 19.80
C GLN A 486 -7.81 28.66 18.75
N ILE A 487 -7.78 27.47 18.18
CA ILE A 487 -8.73 27.10 17.11
C ILE A 487 -9.98 26.57 17.81
N PRO A 488 -11.17 27.10 17.49
CA PRO A 488 -12.37 26.62 18.15
C PRO A 488 -12.62 25.16 17.75
N TRP A 489 -13.04 24.37 18.72
CA TRP A 489 -13.37 22.94 18.47
C TRP A 489 -14.44 22.91 17.39
N PRO A 490 -14.33 22.04 16.39
CA PRO A 490 -15.32 22.00 15.33
C PRO A 490 -16.72 21.61 15.82
N VAL A 491 -17.72 22.21 15.20
CA VAL A 491 -19.16 21.89 15.35
C VAL A 491 -19.40 20.44 14.97
N GLU A 492 -18.72 20.02 13.91
CA GLU A 492 -18.84 18.65 13.38
C GLU A 492 -17.54 18.35 12.64
N ALA A 493 -17.06 17.12 12.74
CA ALA A 493 -15.88 16.68 11.99
C ALA A 493 -16.14 15.24 11.61
N ILE A 494 -15.98 14.96 10.32
CA ILE A 494 -16.24 13.62 9.78
C ILE A 494 -15.09 13.30 8.80
N PHE A 495 -14.99 12.03 8.43
CA PHE A 495 -13.95 11.65 7.45
C PHE A 495 -14.49 10.60 6.49
N ASN A 496 -13.84 10.56 5.32
CA ASN A 496 -13.98 9.51 4.29
C ASN A 496 -12.58 8.97 3.95
N ASP A 497 -12.38 7.68 4.23
CA ASP A 497 -11.11 6.98 3.91
C ASP A 497 -11.39 6.16 2.63
N PHE A 498 -10.98 6.68 1.49
CA PHE A 498 -11.26 6.02 0.19
C PHE A 498 -10.37 4.81 -0.03
N SER A 499 -9.35 4.61 0.80
CA SER A 499 -8.48 3.40 0.69
C SER A 499 -9.25 2.16 1.09
N LEU A 500 -10.31 2.29 1.89
CA LEU A 500 -11.06 1.12 2.37
C LEU A 500 -11.86 0.45 1.25
N ASN A 501 -12.11 -0.82 1.37
CA ASN A 501 -13.07 -1.48 0.45
C ASN A 501 -14.43 -0.82 0.59
N PRO A 502 -15.26 -0.83 -0.47
CA PRO A 502 -14.98 -1.49 -1.75
C PRO A 502 -14.25 -0.60 -2.77
N PHE A 503 -13.94 0.63 -2.39
CA PHE A 503 -13.30 1.61 -3.33
C PHE A 503 -11.82 1.29 -3.50
N GLY A 504 -11.09 1.09 -2.39
CA GLY A 504 -9.67 0.66 -2.42
C GLY A 504 -8.72 1.69 -3.01
N ALA A 505 -9.17 2.92 -3.22
CA ALA A 505 -8.41 4.00 -3.84
C ALA A 505 -9.25 5.28 -3.81
N GLY A 506 -8.59 6.42 -3.62
CA GLY A 506 -9.17 7.70 -4.06
C GLY A 506 -9.16 7.79 -5.57
N TYR A 507 -8.01 7.45 -6.15
CA TYR A 507 -7.77 7.73 -7.57
C TYR A 507 -7.07 6.57 -8.21
N HIS A 508 -7.36 6.34 -9.50
CA HIS A 508 -6.67 5.38 -10.36
C HIS A 508 -5.82 6.18 -11.35
N ALA A 509 -4.65 5.65 -11.70
CA ALA A 509 -3.77 6.29 -12.69
C ALA A 509 -3.22 5.24 -13.61
N TRP A 510 -3.22 5.47 -14.90
CA TRP A 510 -2.61 4.53 -15.86
C TRP A 510 -1.18 4.18 -15.43
N ALA A 511 -0.89 2.89 -15.48
CA ALA A 511 0.42 2.33 -15.10
C ALA A 511 1.42 2.39 -16.24
N ALA A 512 2.69 2.53 -15.90
CA ALA A 512 3.82 2.30 -16.81
C ALA A 512 3.73 0.86 -17.33
N HIS A 513 4.33 0.62 -18.49
CA HIS A 513 4.45 -0.71 -19.10
C HIS A 513 3.08 -1.23 -19.54
N TYR A 514 2.19 -0.31 -19.92
CA TYR A 514 0.91 -0.63 -20.59
C TYR A 514 0.72 0.29 -21.79
N ASP A 515 0.12 -0.28 -22.81
CA ASP A 515 -0.47 0.40 -23.98
C ASP A 515 -1.83 0.90 -23.50
N ILE A 516 -1.87 2.12 -22.99
CA ILE A 516 -3.10 2.73 -22.42
C ILE A 516 -4.27 2.57 -23.40
N CYS A 517 -4.11 3.00 -24.66
CA CYS A 517 -5.28 2.98 -25.60
C CYS A 517 -5.83 1.56 -25.72
N ASP A 518 -4.97 0.55 -25.75
CA ASP A 518 -5.40 -0.86 -25.96
C ASP A 518 -6.22 -1.32 -24.74
N VAL A 519 -5.79 -0.91 -23.56
CA VAL A 519 -6.57 -1.24 -22.34
C VAL A 519 -7.90 -0.51 -22.34
N MET A 520 -7.90 0.78 -22.64
CA MET A 520 -9.11 1.61 -22.63
C MET A 520 -10.14 1.00 -23.57
N GLN A 521 -9.67 0.66 -24.77
CA GLN A 521 -10.55 0.07 -25.80
C GLN A 521 -11.06 -1.31 -25.38
N ARG A 522 -10.19 -2.22 -24.95
CA ARG A 522 -10.47 -3.66 -24.94
C ARG A 522 -10.93 -4.16 -23.57
N ILE A 523 -10.62 -3.45 -22.50
CA ILE A 523 -11.10 -3.93 -21.16
C ILE A 523 -12.61 -3.75 -21.06
N ARG A 524 -13.20 -2.85 -21.84
CA ARG A 524 -14.63 -2.55 -21.65
C ARG A 524 -15.47 -3.79 -21.90
N GLN A 525 -15.09 -4.63 -22.88
CA GLN A 525 -15.82 -5.89 -23.18
C GLN A 525 -14.85 -7.04 -22.99
N PRO A 526 -14.69 -7.51 -21.73
CA PRO A 526 -13.56 -8.40 -21.43
C PRO A 526 -13.51 -9.73 -22.20
N THR A 527 -14.62 -10.21 -22.77
CA THR A 527 -14.55 -11.42 -23.60
C THR A 527 -13.55 -11.18 -24.71
N GLY A 528 -13.38 -9.94 -25.17
CA GLY A 528 -12.43 -9.69 -26.27
C GLY A 528 -10.99 -9.96 -25.89
N LEU A 529 -10.70 -10.09 -24.59
CA LEU A 529 -9.34 -10.33 -24.07
C LEU A 529 -9.11 -11.84 -23.91
N VAL A 530 -10.08 -12.68 -24.28
CA VAL A 530 -9.97 -14.14 -24.01
C VAL A 530 -10.06 -14.85 -25.36
N PRO A 531 -8.94 -15.35 -25.90
CA PRO A 531 -8.97 -16.14 -27.13
C PRO A 531 -9.98 -17.28 -27.05
N GLY A 532 -10.82 -17.36 -28.07
CA GLY A 532 -11.79 -18.46 -28.17
C GLY A 532 -13.08 -18.20 -27.45
N ALA A 533 -13.16 -17.16 -26.61
CA ALA A 533 -14.40 -16.91 -25.84
C ALA A 533 -15.52 -16.49 -26.79
N THR A 534 -16.72 -16.94 -26.49
CA THR A 534 -17.94 -16.41 -27.14
C THR A 534 -18.09 -14.98 -26.66
N ALA A 535 -18.29 -14.02 -27.55
CA ALA A 535 -18.61 -12.62 -27.17
C ALA A 535 -19.84 -12.57 -26.25
N ALA A 536 -19.79 -11.75 -25.21
CA ALA A 536 -20.94 -11.52 -24.31
C ALA A 536 -21.08 -10.01 -24.04
N ASN A 537 -22.31 -9.59 -23.83
CA ASN A 537 -22.62 -8.19 -23.46
C ASN A 537 -22.40 -8.06 -21.95
N LEU A 538 -21.14 -8.24 -21.56
CA LEU A 538 -20.67 -7.96 -20.20
C LEU A 538 -19.61 -6.90 -20.32
N PHE A 539 -19.78 -5.79 -19.60
CA PHE A 539 -18.95 -4.60 -19.78
C PHE A 539 -18.41 -4.14 -18.45
N ILE A 540 -17.23 -3.52 -18.50
CA ILE A 540 -16.56 -2.85 -17.34
C ILE A 540 -16.56 -1.36 -17.66
N ILE A 541 -17.15 -0.55 -16.81
CA ILE A 541 -17.24 0.92 -17.02
C ILE A 541 -16.91 1.63 -15.72
N GLY A 542 -16.67 2.91 -15.82
CA GLY A 542 -16.23 3.72 -14.66
C GLY A 542 -15.06 4.62 -15.00
N GLU A 543 -14.61 5.41 -14.03
CA GLU A 543 -13.49 6.36 -14.28
C GLU A 543 -12.19 5.58 -14.41
N ALA A 544 -12.01 4.41 -13.78
CA ALA A 544 -10.66 3.83 -13.60
C ALA A 544 -9.95 3.53 -14.93
N TYR A 545 -10.65 3.03 -15.93
CA TYR A 545 -10.05 2.71 -17.23
C TYR A 545 -10.45 3.75 -18.27
N SER A 546 -10.71 4.96 -17.83
CA SER A 546 -11.08 6.06 -18.74
C SER A 546 -9.88 6.92 -19.13
N ASN A 547 -10.12 7.94 -19.98
CA ASN A 547 -9.10 8.96 -20.29
C ASN A 547 -9.26 10.19 -19.43
N ASP A 548 -10.05 10.10 -18.35
CA ASP A 548 -10.37 11.25 -17.45
C ASP A 548 -10.43 10.69 -16.04
N GLN A 549 -9.37 9.99 -15.65
CA GLN A 549 -9.34 9.30 -14.35
C GLN A 549 -9.49 10.22 -13.15
N ALA A 550 -9.21 11.50 -13.25
CA ALA A 550 -9.48 12.31 -12.02
C ALA A 550 -10.99 12.65 -11.78
N TRP A 551 -11.91 12.18 -12.64
CA TRP A 551 -13.18 12.91 -12.90
C TRP A 551 -14.37 12.00 -13.11
N VAL A 552 -15.53 12.49 -12.67
CA VAL A 552 -16.81 11.93 -13.07
C VAL A 552 -16.86 11.81 -14.59
N GLU A 553 -16.30 12.79 -15.32
CA GLU A 553 -16.24 12.75 -16.79
C GLU A 553 -15.74 11.38 -17.27
N GLY A 554 -14.77 10.75 -16.59
CA GLY A 554 -14.26 9.47 -17.06
C GLY A 554 -15.27 8.36 -16.88
N ALA A 555 -16.06 8.39 -15.81
CA ALA A 555 -17.16 7.42 -15.62
C ALA A 555 -18.19 7.56 -16.75
N PHE A 556 -18.57 8.81 -17.04
CA PHE A 556 -19.56 9.05 -18.10
C PHE A 556 -18.97 8.65 -19.45
N CYS A 557 -17.72 9.01 -19.72
CA CYS A 557 -17.12 8.75 -21.05
C CYS A 557 -17.09 7.24 -21.31
N THR A 558 -16.61 6.42 -20.36
CA THR A 558 -16.51 4.98 -20.65
C THR A 558 -17.93 4.42 -20.83
N ALA A 559 -18.87 4.80 -19.97
CA ALA A 559 -20.29 4.37 -20.09
C ALA A 559 -20.83 4.74 -21.48
N GLU A 560 -20.63 5.98 -21.88
CA GLU A 560 -21.08 6.48 -23.19
C GLU A 560 -20.45 5.66 -24.30
N SER A 561 -19.17 5.36 -24.18
CA SER A 561 -18.42 4.65 -25.23
C SER A 561 -19.01 3.24 -25.41
N VAL A 562 -19.42 2.61 -24.32
CA VAL A 562 -20.04 1.26 -24.41
C VAL A 562 -21.41 1.38 -25.09
N LEU A 563 -22.24 2.37 -24.73
CA LEU A 563 -23.57 2.51 -25.33
C LEU A 563 -23.43 2.76 -26.85
N VAL A 564 -22.47 3.58 -27.24
CA VAL A 564 -22.20 3.86 -28.68
C VAL A 564 -21.67 2.60 -29.35
N ASP A 565 -20.62 2.01 -28.84
CA ASP A 565 -19.87 0.93 -29.55
C ASP A 565 -20.65 -0.38 -29.52
N TYR A 566 -21.34 -0.70 -28.43
CA TYR A 566 -21.91 -2.07 -28.27
C TYR A 566 -23.43 -2.08 -28.33
N TYR A 567 -24.09 -0.91 -28.22
CA TYR A 567 -25.56 -0.81 -28.29
C TYR A 567 -26.00 0.13 -29.42
N GLY A 568 -25.05 0.59 -30.23
CA GLY A 568 -25.35 1.40 -31.43
C GLY A 568 -26.08 2.69 -31.09
N MET A 569 -25.93 3.22 -29.87
CA MET A 569 -26.62 4.49 -29.50
C MET A 569 -25.90 5.68 -30.15
N THR A 570 -26.67 6.70 -30.46
CA THR A 570 -26.14 7.99 -30.91
C THR A 570 -25.63 8.73 -29.68
N THR A 571 -24.36 9.13 -29.72
CA THR A 571 -23.75 9.90 -28.59
C THR A 571 -24.45 11.26 -28.41
N ILE A 572 -24.51 11.75 -27.18
CA ILE A 572 -24.98 13.12 -26.88
C ILE A 572 -23.82 14.10 -27.05
N ALA A 573 -22.60 13.61 -27.08
CA ALA A 573 -21.38 14.44 -27.24
C ALA A 573 -21.20 14.89 -28.68
N ASP A 574 -20.46 15.99 -28.85
CA ASP A 574 -19.75 16.27 -30.12
C ASP A 574 -18.32 15.74 -29.98
N THR A 575 -17.99 14.66 -30.70
CA THR A 575 -16.69 14.01 -30.60
C THR A 575 -15.68 14.55 -31.60
N THR A 576 -16.06 15.55 -32.39
CA THR A 576 -15.16 16.12 -33.43
C THR A 576 -13.76 16.31 -32.87
N ASN A 577 -13.68 16.98 -31.71
CA ASN A 577 -12.41 17.28 -31.04
C ASN A 577 -12.46 16.68 -29.64
N TYR A 578 -13.14 15.53 -29.49
CA TYR A 578 -13.41 15.01 -28.13
C TYR A 578 -13.64 13.52 -28.22
N PRO A 579 -12.59 12.72 -28.48
CA PRO A 579 -12.76 11.28 -28.37
C PRO A 579 -13.19 10.86 -26.95
N LEU A 580 -14.24 10.05 -26.83
CA LEU A 580 -14.75 9.69 -25.49
C LEU A 580 -13.62 8.96 -24.74
N ILE A 581 -13.01 8.02 -25.44
CA ILE A 581 -11.80 7.30 -24.97
C ILE A 581 -10.80 7.36 -26.12
N CYS A 582 -9.55 7.00 -25.86
CA CYS A 582 -8.50 6.99 -26.92
C CYS A 582 -8.87 5.96 -27.99
N ALA A 583 -8.58 6.29 -29.25
CA ALA A 583 -8.63 5.35 -30.40
C ALA A 583 -7.23 4.74 -30.61
N CYS A 584 -7.11 3.44 -30.92
CA CYS A 584 -5.83 2.86 -31.41
C CYS A 584 -6.00 2.44 -32.88
N GLY B 2 -0.74 -44.49 14.16
CA GLY B 2 0.17 -43.42 14.61
C GLY B 2 -0.43 -42.05 14.33
N THR B 3 0.35 -41.00 14.52
CA THR B 3 -0.11 -39.59 14.49
C THR B 3 0.51 -38.93 13.27
N THR B 4 -0.28 -38.15 12.50
CA THR B 4 0.25 -37.39 11.34
C THR B 4 0.22 -35.90 11.68
N TYR B 5 1.35 -35.26 11.41
CA TYR B 5 1.61 -33.80 11.63
C TYR B 5 1.76 -33.21 10.22
N THR B 6 0.88 -32.27 9.86
CA THR B 6 0.81 -31.71 8.51
C THR B 6 1.23 -30.24 8.60
N ILE B 7 2.28 -29.88 7.90
CA ILE B 7 2.88 -28.51 7.96
C ILE B 7 2.79 -27.89 6.58
N PHE B 8 2.13 -26.75 6.54
CA PHE B 8 1.95 -26.00 5.30
C PHE B 8 2.90 -24.81 5.36
N GLY B 9 3.96 -24.88 4.55
CA GLY B 9 4.98 -23.85 4.49
C GLY B 9 6.29 -24.39 5.03
N ALA B 10 7.26 -24.57 4.15
CA ALA B 10 8.63 -25.00 4.51
C ALA B 10 9.54 -23.77 4.53
N GLY B 11 9.04 -22.69 5.13
CA GLY B 11 9.92 -21.61 5.60
C GLY B 11 10.56 -21.96 6.93
N PRO B 12 11.26 -20.98 7.52
CA PRO B 12 11.86 -21.16 8.82
C PRO B 12 10.90 -21.78 9.85
N ALA B 13 9.69 -21.27 9.99
CA ALA B 13 8.79 -21.77 11.07
C ALA B 13 8.43 -23.23 10.78
N GLY B 14 8.08 -23.57 9.55
CA GLY B 14 7.63 -24.93 9.25
C GLY B 14 8.78 -25.91 9.39
N LEU B 15 9.95 -25.55 8.92
CA LEU B 15 11.14 -26.43 9.00
C LEU B 15 11.52 -26.62 10.45
N TYR B 16 11.51 -25.55 11.23
CA TYR B 16 11.84 -25.67 12.66
C TYR B 16 10.87 -26.61 13.38
N THR B 17 9.57 -26.48 13.03
CA THR B 17 8.53 -27.31 13.66
C THR B 17 8.83 -28.79 13.40
N ALA B 18 9.09 -29.12 12.14
CA ALA B 18 9.34 -30.53 11.74
C ALA B 18 10.56 -31.02 12.52
N TRP B 19 11.62 -30.22 12.56
CA TRP B 19 12.89 -30.58 13.26
C TRP B 19 12.68 -30.82 14.77
N ARG B 20 11.87 -29.99 15.41
CA ARG B 20 11.56 -30.17 16.85
C ARG B 20 10.71 -31.40 17.06
N LEU B 21 9.70 -31.64 16.23
CA LEU B 21 8.83 -32.83 16.43
C LEU B 21 9.69 -34.09 16.39
N VAL B 22 10.64 -34.15 15.47
CA VAL B 22 11.47 -35.39 15.32
C VAL B 22 12.53 -35.41 16.42
N THR B 23 13.38 -34.39 16.50
CA THR B 23 14.54 -34.44 17.43
C THR B 23 14.06 -34.39 18.90
N GLY B 24 12.95 -33.72 19.19
CA GLY B 24 12.40 -33.63 20.56
C GLY B 24 11.68 -34.89 20.95
N GLY B 25 11.42 -35.78 20.00
CA GLY B 25 10.87 -37.14 20.21
C GLY B 25 9.36 -37.14 20.35
N LYS B 26 8.68 -36.08 19.92
CA LYS B 26 7.19 -36.08 19.97
C LYS B 26 6.66 -37.07 18.94
N ALA B 27 7.13 -36.94 17.70
CA ALA B 27 6.90 -37.90 16.60
C ALA B 27 7.74 -39.15 16.84
N VAL B 28 7.08 -40.30 16.94
CA VAL B 28 7.72 -41.58 17.35
C VAL B 28 7.65 -42.52 16.14
N ALA B 29 8.35 -43.66 16.18
CA ALA B 29 8.27 -44.66 15.09
C ALA B 29 6.81 -44.86 14.70
N GLY B 30 6.45 -44.83 13.42
CA GLY B 30 5.05 -45.05 12.96
C GLY B 30 4.30 -43.72 12.72
N ASP B 31 4.88 -42.61 13.16
CA ASP B 31 4.24 -41.28 12.99
C ASP B 31 4.70 -40.69 11.67
N THR B 32 4.00 -39.64 11.22
CA THR B 32 4.16 -39.06 9.87
C THR B 32 4.30 -37.56 10.07
N ILE B 33 5.28 -36.95 9.39
CA ILE B 33 5.30 -35.46 9.27
C ILE B 33 5.31 -35.16 7.78
N GLN B 34 4.30 -34.45 7.32
CA GLN B 34 4.16 -34.11 5.89
C GLN B 34 4.32 -32.61 5.81
N LEU B 35 5.33 -32.17 5.06
CA LEU B 35 5.61 -30.75 4.84
C LEU B 35 5.24 -30.42 3.41
N TYR B 36 4.42 -29.38 3.20
CA TYR B 36 4.00 -28.93 1.86
C TYR B 36 4.56 -27.53 1.64
N GLU B 37 5.21 -27.33 0.50
CA GLU B 37 5.78 -26.00 0.15
C GLU B 37 5.36 -25.62 -1.26
N TRP B 38 4.79 -24.45 -1.39
CA TRP B 38 4.42 -23.87 -2.71
C TRP B 38 5.65 -23.75 -3.64
N GLY B 39 6.77 -23.27 -3.12
CA GLY B 39 7.99 -23.04 -3.88
C GLY B 39 8.74 -24.33 -4.16
N ASP B 40 9.91 -24.20 -4.73
CA ASP B 40 10.77 -25.33 -5.16
C ASP B 40 12.19 -24.99 -4.74
N TYR B 41 12.47 -25.09 -3.45
CA TYR B 41 13.76 -24.66 -2.90
C TYR B 41 14.79 -25.80 -3.05
N ALA B 42 16.08 -25.47 -3.06
CA ALA B 42 17.18 -26.46 -3.27
C ALA B 42 17.62 -27.00 -1.91
N PHE B 43 16.95 -28.04 -1.44
CA PHE B 43 17.21 -28.70 -0.16
C PHE B 43 18.28 -29.78 -0.33
N ASP B 44 18.51 -30.24 -1.57
CA ASP B 44 19.30 -31.46 -1.83
C ASP B 44 20.50 -31.11 -2.68
N GLY B 45 21.05 -29.92 -2.46
CA GLY B 45 22.28 -29.44 -3.11
C GLY B 45 21.99 -28.78 -4.46
N PRO B 46 23.05 -28.26 -5.13
CA PRO B 46 22.88 -27.61 -6.43
C PRO B 46 22.08 -28.42 -7.45
N GLY B 47 21.14 -27.76 -8.15
CA GLY B 47 20.22 -28.36 -9.14
C GLY B 47 18.91 -28.90 -8.55
N SER B 48 18.75 -28.96 -7.22
CA SER B 48 17.58 -29.62 -6.59
C SER B 48 16.45 -28.61 -6.35
N GLY B 49 16.63 -27.38 -6.82
CA GLY B 49 15.56 -26.38 -6.64
C GLY B 49 15.93 -25.14 -7.39
N THR B 50 15.09 -24.11 -7.31
CA THR B 50 15.29 -22.88 -8.12
C THR B 50 16.08 -21.83 -7.34
N ARG B 51 16.17 -21.97 -6.03
CA ARG B 51 16.86 -21.04 -5.09
C ARG B 51 17.13 -21.82 -3.82
N LEU B 52 18.06 -21.35 -3.00
CA LEU B 52 18.24 -22.01 -1.68
C LEU B 52 17.02 -21.76 -0.81
N PRO B 53 16.78 -22.65 0.15
CA PRO B 53 15.72 -22.43 1.13
C PRO B 53 16.07 -21.23 2.03
N ALA B 54 15.08 -20.61 2.71
CA ALA B 54 13.70 -21.02 2.79
C ALA B 54 12.85 -19.77 3.04
N GLY B 55 11.74 -19.64 2.35
CA GLY B 55 10.85 -18.47 2.51
C GLY B 55 11.61 -17.19 2.32
N ARG B 56 11.53 -16.27 3.27
CA ARG B 56 12.16 -14.94 3.10
C ARG B 56 13.65 -14.94 3.48
N ILE B 57 14.25 -16.08 3.81
CA ILE B 57 15.71 -16.21 3.90
C ILE B 57 16.20 -16.78 2.56
N VAL B 58 17.07 -16.06 1.88
CA VAL B 58 17.66 -16.64 0.65
C VAL B 58 19.07 -16.09 0.44
N THR B 59 20.05 -16.93 0.71
CA THR B 59 21.45 -16.67 0.36
C THR B 59 21.59 -16.78 -1.16
N HIS B 60 22.16 -15.76 -1.79
CA HIS B 60 22.34 -15.75 -3.24
C HIS B 60 23.83 -15.65 -3.55
N PHE B 61 24.37 -16.72 -4.15
CA PHE B 61 25.77 -16.79 -4.59
C PHE B 61 25.85 -16.24 -6.02
N CYS B 62 26.86 -15.41 -6.23
CA CYS B 62 27.17 -14.83 -7.54
C CYS B 62 27.29 -15.99 -8.53
N ASN B 63 26.60 -15.90 -9.68
CA ASN B 63 26.66 -16.98 -10.72
C ASN B 63 26.02 -18.27 -10.20
N ASP B 64 25.35 -18.27 -9.04
CA ASP B 64 24.81 -19.49 -8.39
C ASP B 64 25.98 -20.45 -8.15
N ASP B 65 27.17 -19.89 -7.96
CA ASP B 65 28.40 -20.68 -7.68
C ASP B 65 28.53 -20.77 -6.17
N PRO B 66 28.35 -21.97 -5.56
CA PRO B 66 28.41 -22.06 -4.10
C PRO B 66 29.77 -21.67 -3.50
N LYS B 67 30.80 -21.50 -4.32
CA LYS B 67 32.15 -21.11 -3.83
C LYS B 67 32.35 -19.60 -3.89
N GLN B 68 31.37 -18.88 -4.42
CA GLN B 68 31.50 -17.45 -4.74
C GLN B 68 31.12 -16.57 -3.56
N SER B 69 31.39 -15.28 -3.69
CA SER B 69 30.80 -14.24 -2.81
C SER B 69 29.29 -14.41 -2.86
N TYR B 70 28.59 -14.03 -1.80
CA TYR B 70 27.13 -14.10 -1.78
C TYR B 70 26.61 -12.82 -1.18
N ILE B 71 25.33 -12.59 -1.40
CA ILE B 71 24.63 -11.51 -0.68
C ILE B 71 23.33 -12.13 -0.20
N GLU B 72 22.96 -11.81 1.01
CA GLU B 72 21.71 -12.32 1.59
C GLU B 72 20.62 -11.48 0.97
N ALA B 73 19.79 -12.13 0.15
CA ALA B 73 18.74 -11.51 -0.68
C ALA B 73 17.44 -11.49 0.11
N GLY B 74 17.45 -12.11 1.28
CA GLY B 74 16.43 -12.12 2.31
C GLY B 74 17.08 -11.72 3.62
N GLY B 75 16.74 -12.40 4.71
CA GLY B 75 17.31 -12.11 6.04
C GLY B 75 18.81 -12.34 6.08
N MET B 76 19.61 -11.53 6.82
CA MET B 76 21.11 -11.52 6.65
C MET B 76 21.92 -11.80 7.95
N ARG B 77 21.37 -11.60 9.14
CA ARG B 77 22.20 -11.58 10.38
C ARG B 77 21.32 -12.04 11.55
N PHE B 78 21.92 -12.30 12.70
CA PHE B 78 21.16 -12.61 13.90
C PHE B 78 21.94 -12.01 15.08
N ILE B 79 21.30 -12.03 16.24
CA ILE B 79 21.91 -11.58 17.50
C ILE B 79 22.18 -12.82 18.33
N GLU B 80 23.44 -13.01 18.65
CA GLU B 80 23.83 -14.19 19.43
C GLU B 80 23.20 -14.10 20.80
N TRP B 81 22.66 -15.22 21.25
CA TRP B 81 22.13 -15.34 22.62
C TRP B 81 23.26 -15.12 23.64
N ASP B 82 22.99 -14.26 24.60
CA ASP B 82 23.87 -14.02 25.78
C ASP B 82 23.05 -14.34 27.03
N GLY B 83 23.21 -15.54 27.55
CA GLY B 83 22.39 -16.00 28.68
C GLY B 83 22.67 -15.21 29.96
N THR B 84 23.85 -14.60 30.08
CA THR B 84 24.21 -13.77 31.27
C THR B 84 23.41 -12.47 31.25
N LYS B 85 23.04 -11.96 30.06
CA LYS B 85 22.20 -10.74 29.88
C LYS B 85 20.75 -11.10 29.56
N SER B 86 20.42 -12.38 29.29
CA SER B 86 19.07 -12.79 28.84
C SER B 86 18.65 -11.94 27.63
N GLN B 87 19.57 -11.81 26.67
CA GLN B 87 19.39 -10.98 25.48
C GLN B 87 19.87 -11.72 24.24
N GLY B 88 19.10 -11.63 23.18
CA GLY B 88 19.57 -12.16 21.88
C GLY B 88 18.64 -13.26 21.38
N HIS B 89 18.93 -13.80 20.22
CA HIS B 89 18.06 -14.76 19.53
C HIS B 89 18.35 -16.14 20.08
N GLN B 90 17.66 -16.50 21.14
CA GLN B 90 17.98 -17.71 21.91
C GLN B 90 17.75 -18.94 21.03
N LEU B 91 16.57 -19.07 20.42
CA LEU B 91 16.28 -20.31 19.64
C LEU B 91 17.17 -20.38 18.43
N VAL B 92 17.44 -19.24 17.77
CA VAL B 92 18.34 -19.27 16.60
C VAL B 92 19.74 -19.77 17.06
N THR B 93 20.25 -19.21 18.14
CA THR B 93 21.59 -19.56 18.64
C THR B 93 21.62 -21.04 18.99
N LEU B 94 20.64 -21.50 19.76
CA LEU B 94 20.58 -22.94 20.16
C LEU B 94 20.47 -23.83 18.92
N THR B 95 19.71 -23.40 17.91
CA THR B 95 19.45 -24.25 16.72
C THR B 95 20.76 -24.35 15.93
N ILE B 96 21.43 -23.23 15.66
CA ILE B 96 22.75 -23.21 14.97
C ILE B 96 23.72 -24.17 15.68
N GLN B 97 23.78 -24.12 17.02
CA GLN B 97 24.65 -25.03 17.82
C GLN B 97 24.20 -26.48 17.60
N ALA B 98 22.92 -26.77 17.74
CA ALA B 98 22.40 -28.15 17.64
C ALA B 98 22.62 -28.71 16.23
N LEU B 99 22.67 -27.86 15.20
CA LEU B 99 22.85 -28.33 13.82
C LEU B 99 24.33 -28.50 13.50
N GLY B 100 25.21 -28.16 14.43
CA GLY B 100 26.67 -28.31 14.20
C GLY B 100 27.23 -27.14 13.42
N LEU B 101 26.53 -25.98 13.41
CA LEU B 101 26.98 -24.84 12.61
C LEU B 101 27.66 -23.74 13.45
N SER B 102 27.81 -23.88 14.77
CA SER B 102 28.34 -22.80 15.63
C SER B 102 29.73 -22.35 15.13
N GLY B 103 30.51 -23.28 14.58
CA GLY B 103 31.86 -23.03 14.05
C GLY B 103 31.89 -22.03 12.92
N LYS B 104 30.76 -21.86 12.24
CA LYS B 104 30.61 -20.98 11.04
C LYS B 104 30.14 -19.59 11.47
N VAL B 105 29.83 -19.38 12.73
CA VAL B 105 29.34 -18.03 13.16
C VAL B 105 30.50 -17.04 13.14
N ILE B 106 30.28 -15.90 12.50
CA ILE B 106 31.24 -14.80 12.38
C ILE B 106 30.55 -13.48 12.75
N ASP B 107 31.34 -12.48 13.12
CA ASP B 107 30.83 -11.13 13.43
C ASP B 107 30.23 -10.52 12.17
N PHE B 108 29.13 -9.78 12.34
CA PHE B 108 28.61 -8.84 11.33
C PHE B 108 28.88 -7.44 11.88
N ASN B 109 29.92 -6.79 11.39
CA ASN B 109 30.32 -5.48 11.96
C ASN B 109 29.70 -4.37 11.12
N THR B 110 29.11 -3.40 11.79
CA THR B 110 28.59 -2.18 11.14
C THR B 110 29.48 -1.03 11.58
N THR B 111 29.54 0.01 10.75
CA THR B 111 30.42 1.17 10.98
C THR B 111 29.85 1.94 12.18
N ASP B 112 30.74 2.55 12.97
CA ASP B 112 30.43 3.50 14.06
C ASP B 112 30.11 4.87 13.46
N ASN B 113 30.39 5.07 12.18
CA ASN B 113 30.44 6.41 11.56
C ASN B 113 29.83 6.35 10.16
N PRO B 114 28.53 6.01 10.05
CA PRO B 114 27.91 5.87 8.75
C PRO B 114 27.85 7.18 7.99
N LEU B 115 28.12 7.10 6.69
CA LEU B 115 27.83 8.22 5.78
C LEU B 115 26.31 8.41 5.70
N LEU B 116 25.86 9.65 5.88
CA LEU B 116 24.46 10.07 5.76
C LEU B 116 24.39 10.95 4.54
N PHE B 117 23.54 10.58 3.59
CA PHE B 117 23.31 11.41 2.40
C PHE B 117 21.89 11.94 2.54
N LEU B 118 21.79 13.20 2.93
CA LEU B 118 20.51 13.81 3.34
C LEU B 118 20.32 15.15 2.64
N ARG B 119 19.23 15.31 1.88
CA ARG B 119 18.88 16.56 1.17
C ARG B 119 20.11 17.14 0.49
N GLU B 120 20.79 16.26 -0.24
CA GLU B 120 21.96 16.54 -1.12
C GLU B 120 23.16 16.96 -0.26
N GLU B 121 23.16 16.74 1.05
CA GLU B 121 24.37 16.95 1.87
C GLU B 121 24.99 15.60 2.24
N HIS B 122 26.32 15.57 2.36
CA HIS B 122 27.07 14.38 2.77
C HIS B 122 27.64 14.64 4.14
N ILE B 123 27.20 13.86 5.12
CA ILE B 123 27.58 14.06 6.53
C ILE B 123 27.91 12.68 7.10
N TYR B 124 29.15 12.48 7.51
CA TYR B 124 29.48 11.28 8.33
C TYR B 124 28.91 11.54 9.70
N GLN B 125 28.26 10.54 10.27
CA GLN B 125 27.45 10.73 11.49
C GLN B 125 28.28 11.36 12.62
N ASN B 126 29.57 11.05 12.69
CA ASN B 126 30.44 11.61 13.78
C ASN B 126 30.59 13.14 13.66
N ASP B 127 30.27 13.76 12.52
CA ASP B 127 30.49 15.18 12.19
C ASP B 127 29.23 16.03 12.43
N LEU B 128 28.12 15.42 12.89
CA LEU B 128 26.84 16.13 13.05
C LEU B 128 26.95 17.34 13.98
N ALA B 129 27.78 17.28 15.03
CA ALA B 129 28.01 18.43 15.93
C ALA B 129 28.49 19.64 15.11
N THR B 130 29.37 19.48 14.11
CA THR B 130 29.89 20.63 13.33
C THR B 130 29.23 20.78 11.97
N HIS B 131 28.50 19.77 11.50
CA HIS B 131 27.76 19.83 10.22
C HIS B 131 26.37 19.30 10.54
N PRO B 132 25.49 20.18 11.05
CA PRO B 132 24.13 19.79 11.44
C PRO B 132 23.42 19.21 10.22
N ALA B 133 22.61 18.19 10.46
CA ALA B 133 21.74 17.64 9.39
C ALA B 133 20.77 18.71 8.91
N PRO B 134 20.48 18.74 7.60
CA PRO B 134 19.67 19.79 6.99
C PRO B 134 18.15 19.59 7.21
N TYR B 135 17.78 19.41 8.47
CA TYR B 135 16.39 19.29 8.92
C TYR B 135 16.16 20.37 9.96
N ASN B 136 15.02 21.04 9.87
CA ASN B 136 14.62 22.14 10.77
C ASN B 136 14.07 21.59 12.06
N THR B 137 14.92 20.92 12.84
CA THR B 137 14.59 20.25 14.10
C THR B 137 15.68 20.66 15.09
N PRO B 138 15.53 21.84 15.69
CA PRO B 138 16.57 22.35 16.59
C PRO B 138 17.05 21.35 17.66
N GLY B 139 18.36 21.26 17.89
CA GLY B 139 18.95 20.35 18.89
C GLY B 139 19.18 18.98 18.30
N ASN B 140 18.08 18.40 17.77
CA ASN B 140 18.12 17.02 17.29
C ASN B 140 19.08 16.89 16.10
N ASN B 141 19.18 17.93 15.27
CA ASN B 141 19.94 17.86 13.99
C ASN B 141 21.45 17.86 14.24
N GLU B 142 21.93 18.01 15.47
CA GLU B 142 23.40 17.97 15.75
C GLU B 142 23.75 16.66 16.45
N GLN B 143 22.78 15.73 16.55
CA GLN B 143 22.97 14.44 17.26
C GLN B 143 22.57 13.36 16.30
N PRO B 144 23.13 12.14 16.44
CA PRO B 144 22.66 11.02 15.63
C PRO B 144 21.15 10.87 15.87
N ALA B 145 20.45 10.32 14.87
CA ALA B 145 18.99 10.06 15.01
C ALA B 145 18.71 9.21 16.27
N ALA B 146 19.57 8.27 16.60
CA ALA B 146 19.41 7.42 17.81
C ALA B 146 19.10 8.23 19.06
N THR B 147 19.65 9.43 19.23
CA THR B 147 19.42 10.27 20.42
C THR B 147 17.93 10.67 20.42
N LEU B 148 17.41 11.04 19.26
CA LEU B 148 15.98 11.45 19.16
C LEU B 148 15.12 10.21 19.41
N PHE B 149 15.48 9.08 18.81
CA PHE B 149 14.71 7.83 19.11
C PHE B 149 14.62 7.62 20.61
N SER B 150 15.76 7.71 21.30
CA SER B 150 15.82 7.42 22.74
C SER B 150 14.97 8.45 23.49
N ASN B 151 15.03 9.71 23.07
CA ASN B 151 14.27 10.78 23.74
C ASN B 151 12.77 10.55 23.55
N ILE B 152 12.31 10.24 22.34
CA ILE B 152 10.87 9.96 22.09
C ILE B 152 10.44 8.73 22.90
N SER B 153 11.23 7.67 22.94
CA SER B 153 10.87 6.46 23.72
C SER B 153 10.67 6.84 25.19
N ALA B 154 11.59 7.64 25.71
CA ALA B 154 11.54 8.04 27.16
C ALA B 154 10.33 8.93 27.41
N LEU B 155 9.87 9.72 26.43
CA LEU B 155 8.63 10.53 26.63
C LEU B 155 7.40 9.62 26.73
N ILE B 156 7.42 8.47 26.04
CA ILE B 156 6.31 7.49 26.03
C ILE B 156 6.37 6.57 27.26
N THR B 157 7.54 6.06 27.64
CA THR B 157 7.62 5.02 28.70
C THR B 157 7.71 5.69 30.07
N GLY B 158 8.15 6.94 30.15
CA GLY B 158 8.24 7.65 31.45
C GLY B 158 9.08 6.85 32.43
N ASP B 159 8.52 6.50 33.59
CA ASP B 159 9.29 5.82 34.64
C ASP B 159 9.00 4.31 34.60
N ALA B 160 8.24 3.83 33.62
CA ALA B 160 7.92 2.39 33.54
C ALA B 160 9.20 1.60 33.30
N PRO B 161 9.32 0.44 33.97
CA PRO B 161 10.43 -0.46 33.70
C PRO B 161 10.25 -1.09 32.31
N VAL B 162 11.23 -0.92 31.42
CA VAL B 162 11.14 -1.40 30.02
C VAL B 162 12.47 -2.01 29.59
N SER B 163 13.23 -2.61 30.52
CA SER B 163 14.59 -3.15 30.26
C SER B 163 14.57 -4.63 29.91
N THR B 164 13.72 -5.43 30.54
CA THR B 164 13.69 -6.88 30.30
C THR B 164 12.64 -7.18 29.22
N ARG B 165 12.79 -8.34 28.61
CA ARG B 165 11.79 -8.84 27.66
C ARG B 165 10.41 -8.93 28.33
N THR B 166 10.31 -9.44 29.58
CA THR B 166 9.01 -9.53 30.28
C THR B 166 8.44 -8.15 30.57
N GLN B 167 9.27 -7.21 30.99
CA GLN B 167 8.85 -5.79 31.22
C GLN B 167 8.33 -5.16 29.94
N GLN B 168 9.03 -5.40 28.84
CA GLN B 168 8.63 -4.89 27.51
C GLN B 168 7.26 -5.48 27.16
N CYS B 169 7.08 -6.79 27.26
CA CYS B 169 5.76 -7.45 27.01
C CYS B 169 4.67 -6.79 27.83
N ALA B 170 4.94 -6.49 29.11
CA ALA B 170 3.92 -5.93 30.01
C ALA B 170 3.54 -4.51 29.56
N PHE B 171 4.51 -3.76 29.06
CA PHE B 171 4.27 -2.38 28.60
C PHE B 171 3.30 -2.43 27.40
N TYR B 172 3.39 -3.49 26.57
CA TYR B 172 2.49 -3.52 25.38
C TYR B 172 1.03 -3.39 25.84
N GLY B 173 0.67 -4.11 26.91
CA GLY B 173 -0.71 -4.18 27.40
C GLY B 173 -1.07 -3.08 28.38
N SER B 174 -0.16 -2.68 29.26
CA SER B 174 -0.48 -1.83 30.43
C SER B 174 0.22 -0.49 30.34
N GLY B 175 1.06 -0.30 29.32
CA GLY B 175 1.86 0.92 29.20
C GLY B 175 1.00 2.13 28.95
N ARG B 176 1.24 3.19 29.73
CA ARG B 176 0.51 4.47 29.54
C ARG B 176 1.50 5.59 29.33
N LEU B 177 1.05 6.62 28.61
CA LEU B 177 1.84 7.85 28.52
C LEU B 177 1.93 8.35 29.96
N PRO B 178 3.09 8.87 30.36
CA PRO B 178 3.26 9.34 31.74
C PRO B 178 2.39 10.56 32.05
N SER B 179 2.22 10.82 33.36
CA SER B 179 1.43 11.97 33.84
C SER B 179 2.01 13.27 33.27
N THR B 180 3.31 13.28 32.93
CA THR B 180 4.05 14.46 32.41
C THR B 180 3.92 14.60 30.89
N PHE B 181 3.24 13.67 30.20
CA PHE B 181 3.16 13.79 28.72
C PHE B 181 2.61 15.14 28.33
N ASN B 182 3.30 15.82 27.43
CA ASN B 182 2.94 17.18 26.99
C ASN B 182 2.46 17.13 25.55
N SER B 183 1.17 17.23 25.32
CA SER B 183 0.61 17.07 23.95
C SER B 183 -0.76 17.70 23.83
N PHE B 184 -0.99 18.30 22.67
CA PHE B 184 -2.35 18.74 22.31
C PHE B 184 -3.19 17.53 21.92
N VAL B 185 -2.55 16.51 21.35
CA VAL B 185 -3.27 15.36 20.73
C VAL B 185 -3.52 14.23 21.72
N TYR B 186 -2.53 13.85 22.52
CA TYR B 186 -2.57 12.62 23.34
C TYR B 186 -2.54 13.00 24.82
N PRO B 187 -3.64 12.78 25.55
CA PRO B 187 -3.62 13.09 26.97
C PRO B 187 -2.66 12.23 27.75
N PRO B 188 -2.12 12.76 28.87
CA PRO B 188 -1.43 11.92 29.82
C PRO B 188 -2.31 10.72 30.19
N GLY B 189 -1.66 9.58 30.37
CA GLY B 189 -2.30 8.33 30.82
C GLY B 189 -2.96 7.57 29.69
N SER B 190 -2.89 8.07 28.46
CA SER B 190 -3.42 7.35 27.26
C SER B 190 -2.72 5.99 27.17
N ILE B 191 -3.45 5.00 26.68
CA ILE B 191 -2.94 3.63 26.49
C ILE B 191 -1.99 3.67 25.30
N ALA B 192 -0.72 3.37 25.48
CA ALA B 192 0.30 3.54 24.41
C ALA B 192 0.04 2.53 23.29
N GLY B 193 -0.48 1.35 23.60
CA GLY B 193 -0.85 0.34 22.59
C GLY B 193 -1.93 0.81 21.65
N ASN B 194 -2.66 1.88 21.97
CA ASN B 194 -3.73 2.42 21.11
C ASN B 194 -3.27 3.62 20.29
N ILE B 195 -1.97 3.88 20.29
CA ILE B 195 -1.38 5.07 19.64
C ILE B 195 -0.50 4.57 18.50
N GLY B 196 -0.54 5.25 17.36
CA GLY B 196 0.40 4.99 16.26
C GLY B 196 1.76 5.59 16.57
N TYR B 197 2.83 4.86 16.39
CA TYR B 197 4.19 5.35 16.71
C TYR B 197 4.54 6.61 15.89
N TRP B 198 4.30 6.58 14.59
CA TRP B 198 4.57 7.74 13.71
C TRP B 198 3.65 8.90 14.13
N ASN B 199 2.37 8.63 14.41
CA ASN B 199 1.44 9.70 14.86
C ASN B 199 2.04 10.42 16.08
N VAL B 200 2.49 9.67 17.09
CA VAL B 200 2.99 10.33 18.33
C VAL B 200 4.41 10.89 18.17
N PHE B 201 5.24 10.26 17.34
CA PHE B 201 6.61 10.80 17.08
C PHE B 201 6.44 12.16 16.40
N TYR B 202 5.51 12.22 15.44
CA TYR B 202 5.15 13.43 14.67
C TYR B 202 4.62 14.51 15.63
N ASP B 203 3.71 14.13 16.51
CA ASP B 203 3.16 15.05 17.53
C ASP B 203 4.30 15.65 18.40
N GLN B 204 5.23 14.84 18.85
CA GLN B 204 6.24 15.27 19.85
C GLN B 204 7.42 15.96 19.16
N ALA B 205 7.81 15.55 17.96
CA ALA B 205 9.09 16.03 17.37
C ALA B 205 8.82 16.82 16.09
N GLY B 206 7.57 16.93 15.61
CA GLY B 206 7.28 17.67 14.40
C GLY B 206 7.63 16.88 13.16
N ASN B 207 7.13 17.33 12.01
CA ASN B 207 7.42 16.62 10.74
C ASN B 207 8.94 16.60 10.54
N GLU B 208 9.68 17.65 10.89
CA GLU B 208 11.13 17.63 10.55
C GLU B 208 11.88 16.66 11.48
N GLY B 209 11.50 16.58 12.76
CA GLY B 209 12.06 15.60 13.70
C GLY B 209 11.76 14.17 13.26
N TYR B 210 10.52 13.88 12.84
CA TYR B 210 10.17 12.55 12.32
C TYR B 210 10.94 12.26 11.03
N GLU B 211 10.94 13.20 10.10
CA GLU B 211 11.64 12.95 8.81
C GLU B 211 13.13 12.68 9.05
N TYR B 212 13.76 13.42 9.97
CA TYR B 212 15.19 13.21 10.24
C TYR B 212 15.36 11.78 10.78
N ALA B 213 14.53 11.39 11.72
CA ALA B 213 14.64 10.05 12.33
C ALA B 213 14.42 8.99 11.25
N ALA B 214 13.45 9.19 10.40
CA ALA B 214 13.08 8.19 9.36
C ALA B 214 14.23 8.10 8.35
N ASP B 215 14.86 9.20 8.01
CA ASP B 215 15.90 9.23 6.95
C ASP B 215 17.25 8.82 7.50
N ALA B 216 17.61 9.25 8.71
CA ALA B 216 18.99 9.07 9.21
C ALA B 216 19.09 7.96 10.24
N GLY B 217 17.98 7.35 10.64
CA GLY B 217 18.01 6.28 11.65
C GLY B 217 18.68 5.00 11.19
N GLY B 218 19.10 4.19 12.15
CA GLY B 218 19.74 2.88 11.89
C GLY B 218 18.74 1.86 11.34
N TYR B 219 19.23 0.71 10.85
CA TYR B 219 18.41 -0.31 10.15
C TYR B 219 17.34 -0.86 11.10
N THR B 220 17.70 -1.07 12.38
CA THR B 220 16.85 -1.83 13.34
C THR B 220 15.80 -0.95 14.06
N SER B 221 15.76 0.37 13.80
CA SER B 221 14.80 1.31 14.43
C SER B 221 13.61 1.53 13.48
N ASN B 222 12.43 1.03 13.86
CA ASN B 222 11.26 0.93 12.95
C ASN B 222 10.36 2.16 13.18
N VAL B 223 10.26 3.08 12.19
CA VAL B 223 9.50 4.38 12.23
C VAL B 223 8.13 4.30 11.55
N ILE B 224 7.66 3.14 11.15
CA ILE B 224 6.32 3.06 10.55
C ILE B 224 5.27 3.31 11.64
N ASN B 225 4.01 3.51 11.25
CA ASN B 225 2.93 3.84 12.21
C ASN B 225 2.43 2.62 12.96
N TRP B 226 3.34 1.87 13.55
CA TRP B 226 3.01 0.65 14.30
C TRP B 226 2.67 0.97 15.76
N ASN B 227 2.38 -0.08 16.52
CA ASN B 227 1.97 0.04 17.93
C ASN B 227 2.99 0.89 18.71
N ALA B 228 2.58 2.02 19.29
CA ALA B 228 3.54 2.93 19.95
C ALA B 228 4.13 2.30 21.21
N ALA B 229 3.37 1.44 21.91
CA ALA B 229 3.89 0.80 23.13
C ALA B 229 5.08 -0.08 22.72
N ASN B 230 4.91 -0.92 21.72
CA ASN B 230 6.00 -1.82 21.29
C ASN B 230 7.13 -1.02 20.65
N ALA B 231 6.82 -0.05 19.81
CA ALA B 231 7.83 0.78 19.14
C ALA B 231 8.68 1.54 20.16
N ALA B 232 8.06 2.06 21.22
CA ALA B 232 8.82 2.83 22.22
C ALA B 232 9.85 1.91 22.89
N VAL B 233 9.46 0.70 23.25
CA VAL B 233 10.41 -0.18 23.99
C VAL B 233 11.39 -0.81 23.02
N TYR B 234 11.08 -0.94 21.73
CA TYR B 234 12.01 -1.52 20.74
C TYR B 234 12.91 -0.47 20.09
N ASN B 235 12.65 0.82 20.28
CA ASN B 235 13.46 1.90 19.67
C ASN B 235 14.15 2.75 20.76
N GLY B 236 13.91 2.43 22.03
CA GLY B 236 14.44 3.27 23.13
C GLY B 236 15.83 2.89 23.57
N GLU B 237 16.25 3.58 24.63
CA GLU B 237 17.60 3.39 25.21
C GLU B 237 17.76 1.93 25.62
N PHE B 238 16.67 1.30 26.10
CA PHE B 238 16.68 -0.05 26.72
C PHE B 238 16.13 -1.11 25.77
N ALA B 239 16.10 -0.83 24.48
CA ALA B 239 15.66 -1.77 23.40
C ALA B 239 16.51 -3.03 23.50
N PRO B 240 15.95 -4.20 23.19
CA PRO B 240 16.77 -5.41 23.15
C PRO B 240 17.94 -5.18 22.18
N GLY B 241 19.11 -5.62 22.58
CA GLY B 241 20.29 -5.47 21.72
C GLY B 241 21.10 -6.74 21.70
N GLY B 242 22.41 -6.60 21.52
CA GLY B 242 23.32 -7.74 21.52
C GLY B 242 24.18 -7.73 20.29
N ALA B 243 25.09 -8.70 20.21
CA ALA B 243 26.12 -8.72 19.14
C ALA B 243 25.51 -9.29 17.85
N PHE B 244 25.62 -8.55 16.75
CA PHE B 244 25.20 -9.05 15.41
C PHE B 244 26.25 -10.07 14.92
N LYS B 245 25.74 -11.18 14.45
CA LYS B 245 26.52 -12.26 13.85
C LYS B 245 25.89 -12.67 12.53
N THR B 246 26.61 -13.47 11.74
CA THR B 246 26.00 -14.15 10.57
C THR B 246 26.65 -15.51 10.47
N VAL B 247 26.07 -16.36 9.65
CA VAL B 247 26.56 -17.73 9.41
C VAL B 247 27.44 -17.65 8.17
N ASN B 248 28.75 -17.84 8.33
CA ASN B 248 29.66 -17.83 7.18
C ASN B 248 29.17 -18.88 6.17
N GLY B 249 29.03 -18.50 4.91
CA GLY B 249 28.46 -19.38 3.90
C GLY B 249 26.98 -19.16 3.71
N GLY B 250 26.39 -18.28 4.49
CA GLY B 250 24.98 -17.90 4.28
C GLY B 250 24.06 -18.46 5.33
N TYR B 251 22.97 -17.75 5.61
CA TYR B 251 21.89 -18.13 6.53
C TYR B 251 21.12 -19.33 5.96
N SER B 252 21.04 -19.45 4.62
CA SER B 252 20.22 -20.50 3.96
C SER B 252 20.68 -21.90 4.40
N GLN B 253 21.97 -22.05 4.73
CA GLN B 253 22.40 -23.42 5.12
C GLN B 253 21.74 -23.86 6.43
N VAL B 254 21.33 -22.94 7.29
CA VAL B 254 20.55 -23.28 8.51
C VAL B 254 19.33 -24.08 8.08
N PHE B 255 18.64 -23.65 7.03
CA PHE B 255 17.37 -24.25 6.58
C PHE B 255 17.61 -25.52 5.76
N VAL B 256 18.69 -25.56 5.00
CA VAL B 256 19.15 -26.84 4.39
C VAL B 256 19.39 -27.86 5.49
N GLN B 257 20.14 -27.48 6.53
CA GLN B 257 20.51 -28.43 7.59
C GLN B 257 19.25 -28.81 8.38
N LEU B 258 18.33 -27.88 8.64
CA LEU B 258 17.12 -28.28 9.38
C LEU B 258 16.46 -29.41 8.60
N TYR B 259 16.36 -29.28 7.28
CA TYR B 259 15.67 -30.28 6.45
C TYR B 259 16.46 -31.59 6.51
N GLN B 260 17.76 -31.49 6.21
CA GLN B 260 18.59 -32.70 6.02
C GLN B 260 18.66 -33.43 7.36
N GLN B 261 18.89 -32.71 8.45
CA GLN B 261 19.05 -33.37 9.78
C GLN B 261 17.71 -33.90 10.29
N THR B 262 16.60 -33.25 9.94
CA THR B 262 15.25 -33.79 10.30
C THR B 262 15.03 -35.14 9.60
N LEU B 263 15.40 -35.21 8.34
CA LEU B 263 15.26 -36.42 7.51
C LEU B 263 16.16 -37.52 8.09
N ALA B 264 17.42 -37.23 8.42
CA ALA B 264 18.34 -38.25 9.01
C ALA B 264 17.85 -38.69 10.39
N ALA B 265 17.42 -37.78 11.26
CA ALA B 265 16.85 -38.13 12.59
C ALA B 265 15.55 -38.94 12.40
N ALA B 266 14.72 -38.59 11.41
CA ALA B 266 13.45 -39.30 11.15
C ALA B 266 13.71 -40.75 10.73
N GLN B 267 14.69 -40.97 9.85
CA GLN B 267 15.16 -42.32 9.48
C GLN B 267 15.57 -43.09 10.73
N GLU B 268 16.35 -42.50 11.65
CA GLU B 268 16.86 -43.19 12.86
C GLU B 268 15.68 -43.55 13.75
N ALA B 269 14.65 -42.69 13.82
CA ALA B 269 13.51 -42.81 14.75
C ALA B 269 12.36 -43.63 14.13
N GLY B 270 12.43 -43.94 12.86
CA GLY B 270 11.32 -44.63 12.15
C GLY B 270 10.14 -43.70 11.90
N VAL B 271 10.40 -42.41 11.79
CA VAL B 271 9.34 -41.39 11.53
C VAL B 271 9.33 -41.11 10.03
N ALA B 272 8.13 -41.12 9.44
CA ALA B 272 8.00 -40.78 8.01
C ALA B 272 7.97 -39.26 7.85
N PHE B 273 9.05 -38.68 7.36
CA PHE B 273 9.21 -37.23 7.13
C PHE B 273 9.37 -37.00 5.64
N THR B 274 8.43 -36.27 5.05
CA THR B 274 8.49 -35.96 3.63
C THR B 274 8.24 -34.49 3.43
N LEU B 275 8.99 -33.95 2.46
CA LEU B 275 8.75 -32.62 1.88
C LEU B 275 8.15 -32.76 0.47
N THR B 276 6.98 -32.16 0.24
CA THR B 276 6.32 -32.15 -1.08
C THR B 276 6.34 -30.70 -1.59
N GLN B 277 7.23 -30.41 -2.53
CA GLN B 277 7.37 -29.04 -3.05
C GLN B 277 6.45 -28.85 -4.25
N ARG B 278 6.39 -27.60 -4.72
CA ARG B 278 5.52 -27.19 -5.84
C ARG B 278 4.07 -27.57 -5.52
N THR B 279 3.70 -27.60 -4.24
CA THR B 279 2.38 -28.02 -3.79
C THR B 279 1.96 -27.10 -2.63
N ARG B 280 0.93 -26.31 -2.87
CA ARG B 280 0.44 -25.35 -1.86
C ARG B 280 -0.83 -25.83 -1.18
N LEU B 281 -1.02 -25.38 0.07
CA LEU B 281 -2.35 -25.37 0.71
C LEU B 281 -3.24 -24.44 -0.09
N HIS B 282 -4.33 -24.96 -0.59
CA HIS B 282 -5.34 -24.22 -1.37
C HIS B 282 -6.46 -23.69 -0.47
N SER B 283 -7.00 -24.52 0.40
CA SER B 283 -8.16 -24.18 1.24
C SER B 283 -8.12 -25.05 2.47
N VAL B 284 -8.65 -24.51 3.56
CA VAL B 284 -8.61 -25.23 4.85
C VAL B 284 -9.88 -24.88 5.62
N TRP B 285 -10.41 -25.84 6.35
CA TRP B 285 -11.59 -25.61 7.19
C TRP B 285 -11.66 -26.74 8.21
N LEU B 286 -12.61 -26.62 9.10
CA LEU B 286 -12.73 -27.60 10.21
C LEU B 286 -14.08 -28.28 10.14
N GLU B 287 -14.10 -29.54 10.57
CA GLU B 287 -15.34 -30.24 10.97
C GLU B 287 -15.08 -30.71 12.39
N ASP B 288 -15.57 -29.95 13.37
CA ASP B 288 -15.20 -30.11 14.79
C ASP B 288 -13.66 -30.06 14.86
N ASP B 289 -13.02 -31.07 15.43
CA ASP B 289 -11.55 -31.11 15.59
C ASP B 289 -10.82 -31.51 14.30
N VAL B 290 -11.53 -31.94 13.25
CA VAL B 290 -10.87 -32.52 12.07
C VAL B 290 -10.55 -31.39 11.10
N VAL B 291 -9.29 -31.27 10.76
CA VAL B 291 -8.85 -30.27 9.74
C VAL B 291 -9.10 -30.86 8.35
N ASN B 292 -9.91 -30.16 7.56
CA ASN B 292 -10.13 -30.53 6.15
C ASN B 292 -9.33 -29.58 5.29
N TYR B 293 -8.73 -30.08 4.22
CA TYR B 293 -7.88 -29.21 3.38
C TYR B 293 -7.79 -29.76 1.98
N ARG B 294 -7.50 -28.84 1.08
CA ARG B 294 -7.19 -29.15 -0.34
C ARG B 294 -5.83 -28.57 -0.67
N LEU B 295 -5.12 -29.25 -1.55
CA LEU B 295 -3.84 -28.82 -2.12
C LEU B 295 -4.06 -28.37 -3.57
N ALA B 296 -3.16 -27.53 -4.01
CA ALA B 296 -3.07 -27.13 -5.41
C ALA B 296 -1.63 -27.25 -5.86
N SER B 297 -1.46 -27.53 -7.12
CA SER B 297 -0.11 -27.51 -7.74
C SER B 297 0.36 -26.10 -7.94
N ALA B 298 1.68 -25.90 -7.98
CA ALA B 298 2.29 -24.61 -8.33
C ALA B 298 1.86 -24.20 -9.75
N GLU B 299 1.71 -25.18 -10.63
CA GLU B 299 1.33 -24.87 -12.03
C GLU B 299 -0.08 -24.25 -12.09
N ASN B 300 -0.99 -24.70 -11.23
CA ASN B 300 -2.42 -24.31 -11.22
C ASN B 300 -2.82 -24.02 -9.79
N PRO B 301 -2.31 -22.90 -9.21
CA PRO B 301 -2.37 -22.72 -7.76
C PRO B 301 -3.76 -22.43 -7.22
N PHE B 302 -4.73 -22.09 -8.08
CA PHE B 302 -6.09 -21.71 -7.62
C PHE B 302 -7.07 -22.87 -7.63
N LYS B 303 -6.65 -24.06 -8.13
CA LYS B 303 -7.61 -25.15 -8.31
C LYS B 303 -7.24 -26.30 -7.35
N GLY B 304 -8.14 -26.54 -6.42
CA GLY B 304 -7.93 -27.56 -5.37
C GLY B 304 -8.06 -28.97 -5.88
N GLY B 305 -7.43 -29.89 -5.18
CA GLY B 305 -7.58 -31.33 -5.44
C GLY B 305 -8.61 -31.95 -4.51
N ALA B 306 -8.47 -33.24 -4.23
CA ALA B 306 -9.44 -33.92 -3.37
C ALA B 306 -9.35 -33.36 -1.96
N VAL B 307 -10.45 -33.44 -1.23
CA VAL B 307 -10.47 -33.03 0.18
C VAL B 307 -9.67 -34.06 0.97
N GLN B 308 -8.68 -33.58 1.73
CA GLN B 308 -7.83 -34.39 2.64
C GLN B 308 -8.18 -34.04 4.09
N THR B 309 -7.87 -34.93 5.02
CA THR B 309 -8.07 -34.60 6.44
C THR B 309 -6.77 -34.84 7.20
N THR B 310 -6.61 -34.10 8.30
CA THR B 310 -5.56 -34.32 9.32
C THR B 310 -6.10 -33.89 10.67
N GLN B 311 -5.54 -34.44 11.74
CA GLN B 311 -5.83 -33.96 13.08
C GLN B 311 -4.83 -32.89 13.51
N ASN B 312 -3.74 -32.70 12.79
CA ASN B 312 -2.70 -31.74 13.21
C ASN B 312 -2.18 -30.97 11.99
N ALA B 313 -2.47 -29.67 11.94
CA ALA B 313 -2.18 -28.79 10.81
C ALA B 313 -1.47 -27.52 11.33
N PHE B 314 -0.36 -27.17 10.72
CA PHE B 314 0.42 -25.94 11.03
C PHE B 314 0.39 -25.07 9.77
N LEU B 315 -0.09 -23.84 9.93
CA LEU B 315 -0.07 -22.85 8.86
C LEU B 315 1.14 -21.98 9.11
N ALA B 316 2.25 -22.37 8.53
CA ALA B 316 3.58 -21.78 8.79
C ALA B 316 3.85 -20.73 7.71
N MET B 317 3.00 -19.72 7.69
CA MET B 317 3.04 -18.79 6.55
C MET B 317 2.54 -17.43 6.99
N PRO B 318 2.99 -16.36 6.29
CA PRO B 318 2.65 -15.00 6.70
C PRO B 318 1.24 -14.57 6.39
N PRO B 319 0.81 -13.43 6.97
CA PRO B 319 -0.51 -12.86 6.69
C PRO B 319 -0.93 -12.91 5.22
N ALA B 320 -0.13 -12.43 4.27
CA ALA B 320 -0.55 -12.39 2.85
C ALA B 320 -0.80 -13.81 2.34
N SER B 321 -0.03 -14.79 2.86
CA SER B 321 -0.20 -16.22 2.51
C SER B 321 -1.49 -16.78 3.10
N LEU B 322 -1.79 -16.47 4.37
CA LEU B 322 -3.08 -16.81 5.00
C LEU B 322 -4.22 -16.19 4.22
N ASP B 323 -4.07 -14.94 3.79
CA ASP B 323 -5.14 -14.26 3.03
C ASP B 323 -5.50 -15.07 1.78
N LEU B 324 -4.53 -15.54 1.02
CA LEU B 324 -4.81 -16.28 -0.23
C LEU B 324 -5.58 -17.56 0.11
N VAL B 325 -5.17 -18.26 1.17
CA VAL B 325 -5.90 -19.48 1.59
C VAL B 325 -7.31 -19.10 2.00
N ALA B 326 -7.46 -18.07 2.84
CA ALA B 326 -8.79 -17.65 3.32
C ALA B 326 -9.70 -17.27 2.12
N GLU B 327 -9.15 -16.66 1.07
CA GLU B 327 -9.95 -16.23 -0.07
C GLU B 327 -10.61 -17.44 -0.74
N ALA B 328 -10.00 -18.62 -0.68
CA ALA B 328 -10.52 -19.83 -1.33
C ALA B 328 -11.82 -20.36 -0.69
N THR B 329 -12.14 -20.02 0.57
CA THR B 329 -13.40 -20.43 1.23
C THR B 329 -14.31 -19.26 1.56
N ARG B 330 -13.79 -18.04 1.58
CA ARG B 330 -14.57 -16.84 2.02
C ARG B 330 -15.92 -16.75 1.32
N TYR B 331 -15.97 -17.07 0.02
CA TYR B 331 -17.16 -16.80 -0.81
C TYR B 331 -17.85 -18.11 -1.14
N ALA B 332 -17.37 -19.21 -0.57
CA ALA B 332 -17.83 -20.57 -0.95
C ALA B 332 -19.03 -21.02 -0.10
N ASP B 333 -19.87 -21.90 -0.66
CA ASP B 333 -20.97 -22.55 0.10
C ASP B 333 -20.34 -23.79 0.73
N MET B 334 -20.03 -23.72 2.01
CA MET B 334 -19.27 -24.78 2.69
C MET B 334 -20.21 -25.90 3.09
N PRO B 335 -19.66 -27.10 3.31
CA PRO B 335 -20.47 -28.23 3.77
C PRO B 335 -21.11 -27.95 5.14
N GLU B 336 -22.30 -28.53 5.33
CA GLU B 336 -23.06 -28.43 6.61
C GLU B 336 -22.12 -28.89 7.74
N GLY B 337 -22.15 -28.16 8.85
CA GLY B 337 -21.49 -28.51 10.12
C GLY B 337 -20.00 -28.22 10.09
N THR B 338 -19.53 -27.46 9.09
CA THR B 338 -18.12 -27.04 9.03
C THR B 338 -17.91 -25.64 9.59
N LEU B 339 -16.68 -25.37 9.94
CA LEU B 339 -16.25 -24.03 10.42
C LEU B 339 -15.18 -23.53 9.47
N ASP B 340 -15.48 -22.44 8.78
CA ASP B 340 -14.55 -21.79 7.84
C ASP B 340 -13.62 -20.89 8.65
N ILE B 341 -12.77 -21.57 9.41
CA ILE B 341 -12.00 -21.00 10.54
C ILE B 341 -11.28 -19.71 10.14
N LEU B 342 -10.58 -19.68 9.01
CA LEU B 342 -9.76 -18.48 8.70
C LEU B 342 -10.66 -17.26 8.45
N ASN B 343 -11.90 -17.45 8.09
CA ASN B 343 -12.85 -16.34 7.81
C ASN B 343 -13.74 -16.03 9.00
N ALA B 344 -13.55 -16.66 10.14
CA ALA B 344 -14.32 -16.29 11.34
C ALA B 344 -13.95 -14.86 11.76
N GLU B 345 -14.92 -14.13 12.27
CA GLU B 345 -14.79 -12.68 12.57
C GLU B 345 -13.56 -12.44 13.48
N GLY B 346 -13.42 -13.20 14.55
CA GLY B 346 -12.33 -12.97 15.52
C GLY B 346 -10.97 -13.28 14.92
N VAL B 347 -10.92 -14.29 14.04
CA VAL B 347 -9.66 -14.68 13.38
C VAL B 347 -9.25 -13.57 12.41
N GLN B 348 -10.19 -13.10 11.63
CA GLN B 348 -9.91 -12.01 10.68
C GLN B 348 -9.46 -10.76 11.44
N LEU B 349 -10.10 -10.48 12.55
CA LEU B 349 -9.79 -9.27 13.33
C LEU B 349 -8.34 -9.38 13.81
N TYR B 350 -8.01 -10.50 14.47
CA TYR B 350 -6.67 -10.75 15.02
C TYR B 350 -5.62 -10.82 13.91
N MET B 351 -5.95 -11.35 12.73
CA MET B 351 -4.94 -11.36 11.63
C MET B 351 -4.53 -9.91 11.28
N ASP B 352 -5.45 -8.94 11.45
CA ASP B 352 -5.18 -7.51 11.21
C ASP B 352 -4.43 -6.87 12.39
N GLY B 353 -3.97 -7.68 13.35
CA GLY B 353 -3.15 -7.15 14.46
C GLY B 353 -1.75 -6.72 14.07
N VAL B 354 -1.36 -6.89 12.81
CA VAL B 354 -0.05 -6.38 12.31
C VAL B 354 -0.32 -5.56 11.07
N ILE B 355 0.56 -4.62 10.87
CA ILE B 355 0.66 -3.87 9.59
C ILE B 355 1.85 -4.40 8.82
N ARG B 356 1.85 -4.12 7.54
CA ARG B 356 2.82 -4.66 6.58
C ARG B 356 3.76 -3.57 6.10
N GLN B 357 5.03 -3.91 5.97
CA GLN B 357 6.06 -3.04 5.36
C GLN B 357 6.63 -3.73 4.13
N PRO B 358 6.45 -3.10 2.96
CA PRO B 358 6.99 -3.68 1.73
C PRO B 358 8.50 -3.42 1.70
N SER B 359 9.23 -4.31 1.06
CA SER B 359 10.70 -4.28 0.97
C SER B 359 11.13 -4.79 -0.40
N MET B 360 12.22 -4.21 -0.87
CA MET B 360 12.85 -4.69 -2.11
C MET B 360 14.36 -4.60 -1.90
N ARG B 361 15.08 -5.65 -2.33
CA ARG B 361 16.53 -5.77 -2.16
C ARG B 361 17.15 -5.98 -3.52
N VAL B 362 18.06 -5.09 -3.88
CA VAL B 362 18.83 -5.24 -5.14
C VAL B 362 20.24 -5.67 -4.75
N MET B 363 20.67 -6.81 -5.29
CA MET B 363 21.97 -7.42 -4.99
C MET B 363 22.87 -7.22 -6.22
N LEU B 364 23.99 -6.55 -6.02
CA LEU B 364 24.90 -6.26 -7.17
C LEU B 364 26.31 -6.73 -6.84
N PHE B 365 26.87 -7.54 -7.75
CA PHE B 365 28.26 -7.97 -7.62
C PHE B 365 29.14 -7.24 -8.63
N PHE B 366 30.27 -6.74 -8.16
CA PHE B 366 31.24 -5.98 -8.96
C PHE B 366 32.56 -6.73 -9.04
N ASP B 367 33.30 -6.45 -10.10
CA ASP B 367 34.63 -7.10 -10.30
C ASP B 367 35.71 -6.41 -9.44
N ARG B 368 35.43 -5.28 -8.79
CA ARG B 368 36.39 -4.57 -7.91
C ARG B 368 35.62 -3.74 -6.90
N PRO B 369 36.18 -3.48 -5.71
CA PRO B 369 35.49 -2.72 -4.65
C PRO B 369 35.69 -1.24 -4.95
N TRP B 370 34.98 -0.77 -5.98
CA TRP B 370 35.10 0.60 -6.54
C TRP B 370 34.85 1.66 -5.46
N TRP B 371 34.09 1.35 -4.43
CA TRP B 371 33.73 2.34 -3.36
C TRP B 371 34.93 2.63 -2.46
N THR B 372 36.01 1.87 -2.56
CA THR B 372 37.24 2.06 -1.76
C THR B 372 38.29 2.87 -2.54
N ASP B 373 38.08 3.16 -3.82
CA ASP B 373 39.10 3.89 -4.60
C ASP B 373 39.42 5.21 -3.92
N ALA B 374 40.69 5.65 -3.96
CA ALA B 374 41.19 6.85 -3.27
C ALA B 374 40.44 8.09 -3.71
N ASP B 375 40.00 8.15 -4.95
CA ASP B 375 39.41 9.39 -5.48
C ASP B 375 37.90 9.42 -5.25
N VAL B 376 37.29 8.43 -4.61
CA VAL B 376 35.83 8.50 -4.24
C VAL B 376 35.66 9.65 -3.25
N PRO B 377 34.85 10.69 -3.56
CA PRO B 377 34.73 11.83 -2.68
C PRO B 377 34.23 11.48 -1.27
N TYR B 378 33.25 10.60 -1.16
CA TYR B 378 32.58 10.22 0.11
C TYR B 378 32.47 8.73 0.19
N PRO B 379 33.58 8.04 0.51
CA PRO B 379 33.57 6.59 0.58
C PRO B 379 32.84 6.16 1.85
N PRO B 380 32.31 4.93 1.88
CA PRO B 380 31.69 4.42 3.11
C PRO B 380 32.79 4.20 4.16
N ASP B 381 32.50 4.39 5.46
CA ASP B 381 33.57 4.30 6.50
C ASP B 381 33.68 2.86 7.05
N LEU B 382 34.28 1.96 6.29
CA LEU B 382 34.12 0.51 6.50
C LEU B 382 35.25 -0.08 7.34
N THR B 383 36.32 0.67 7.66
CA THR B 383 37.50 0.05 8.31
C THR B 383 38.32 1.15 8.99
N SER B 384 38.06 1.33 10.29
CA SER B 384 38.82 2.18 11.24
C SER B 384 40.05 1.41 11.72
N ASP B 385 41.15 2.12 12.03
CA ASP B 385 42.42 1.52 12.55
C ASP B 385 42.22 1.19 14.03
N GLY B 386 42.45 -0.08 14.42
CA GLY B 386 42.28 -0.58 15.79
C GLY B 386 40.99 -1.39 15.96
N ALA B 387 40.04 -1.25 15.03
CA ALA B 387 38.73 -1.96 14.99
C ALA B 387 38.73 -2.97 13.84
N PRO B 388 37.72 -3.86 13.72
CA PRO B 388 37.61 -4.75 12.56
C PRO B 388 37.10 -4.03 11.31
N ASN B 389 36.93 -4.77 10.21
CA ASN B 389 36.32 -4.29 8.94
C ASN B 389 34.78 -4.30 9.11
N THR B 390 34.05 -3.37 8.46
CA THR B 390 32.57 -3.34 8.56
C THR B 390 31.92 -3.36 7.17
N PHE B 391 30.61 -3.58 7.18
CA PHE B 391 29.76 -3.72 5.98
C PHE B 391 28.95 -2.45 5.74
N GLY B 392 29.24 -1.41 6.52
CA GLY B 392 28.56 -0.10 6.47
C GLY B 392 27.56 -0.08 7.60
N PRO B 393 26.32 0.40 7.39
CA PRO B 393 25.83 0.87 6.09
C PRO B 393 26.13 2.34 5.77
N THR B 394 25.72 2.76 4.57
CA THR B 394 25.46 4.15 4.20
C THR B 394 23.94 4.34 4.29
N ILE B 395 23.52 5.50 4.77
CA ILE B 395 22.10 5.80 5.12
C ILE B 395 21.66 7.06 4.38
N THR B 396 20.53 6.98 3.67
CA THR B 396 20.09 8.12 2.82
C THR B 396 18.59 8.45 2.94
N ASP B 397 18.26 9.62 2.42
CA ASP B 397 16.86 10.05 2.30
C ASP B 397 16.31 9.77 0.90
N LEU B 398 17.00 8.93 0.14
CA LEU B 398 16.59 8.55 -1.22
C LEU B 398 15.66 7.35 -1.16
N PRO B 399 14.98 7.00 -2.28
CA PRO B 399 14.39 5.67 -2.42
C PRO B 399 15.37 4.56 -2.02
N LEU B 400 16.63 4.65 -2.45
CA LEU B 400 17.66 3.67 -2.06
C LEU B 400 18.09 4.11 -0.67
N ARG B 401 17.44 3.57 0.36
CA ARG B 401 17.53 4.21 1.70
C ARG B 401 18.78 3.74 2.45
N GLN B 402 19.33 2.59 2.09
CA GLN B 402 20.48 2.06 2.85
C GLN B 402 21.31 1.18 1.94
N VAL B 403 22.61 1.22 2.11
CA VAL B 403 23.54 0.38 1.31
C VAL B 403 24.43 -0.37 2.30
N TYR B 404 24.61 -1.65 2.06
CA TYR B 404 25.66 -2.47 2.69
C TYR B 404 26.66 -2.94 1.63
N TYR B 405 27.91 -3.08 2.07
CA TYR B 405 29.09 -3.38 1.21
C TYR B 405 29.72 -4.66 1.74
N PHE B 406 29.34 -5.78 1.18
CA PHE B 406 29.79 -7.11 1.66
C PHE B 406 31.16 -7.40 1.08
N GLY B 407 31.45 -6.82 -0.07
CA GLY B 407 32.69 -7.09 -0.80
C GLY B 407 32.87 -8.58 -1.02
N ASN B 408 34.09 -9.07 -0.91
CA ASN B 408 34.38 -10.49 -1.18
C ASN B 408 34.23 -11.27 0.12
N ASN B 409 33.11 -11.93 0.31
CA ASN B 409 32.81 -12.64 1.59
C ASN B 409 32.95 -14.15 1.37
N SER B 410 33.55 -14.54 0.24
CA SER B 410 33.85 -15.93 -0.15
C SER B 410 35.02 -16.47 0.72
N ASP B 411 35.33 -17.76 0.60
CA ASP B 411 36.55 -18.35 1.24
C ASP B 411 37.78 -17.90 0.47
N GLY B 412 37.59 -17.22 -0.66
CA GLY B 412 38.68 -16.58 -1.42
C GLY B 412 39.23 -17.49 -2.51
N THR B 413 38.65 -18.69 -2.69
CA THR B 413 39.10 -19.66 -3.74
C THR B 413 38.50 -19.31 -5.11
N ALA B 414 37.39 -18.56 -5.19
CA ALA B 414 36.75 -18.21 -6.50
C ALA B 414 37.34 -16.92 -7.04
N ASN B 415 37.05 -16.62 -8.30
CA ASN B 415 37.44 -15.34 -8.93
C ASN B 415 36.77 -14.25 -8.09
N PRO B 416 37.51 -13.29 -7.50
CA PRO B 416 36.93 -12.34 -6.55
C PRO B 416 35.83 -11.47 -7.18
N VAL B 417 34.65 -11.47 -6.55
CA VAL B 417 33.62 -10.42 -6.84
C VAL B 417 33.24 -9.77 -5.50
N TYR B 418 32.66 -8.57 -5.58
CA TYR B 418 32.53 -7.66 -4.42
C TYR B 418 31.06 -7.24 -4.38
N GLY B 419 30.33 -7.66 -3.35
CA GLY B 419 28.87 -7.53 -3.32
C GLY B 419 28.43 -6.26 -2.60
N VAL B 420 27.34 -5.73 -3.14
CA VAL B 420 26.63 -4.55 -2.59
C VAL B 420 25.16 -4.90 -2.46
N LEU B 421 24.56 -4.52 -1.33
CA LEU B 421 23.12 -4.71 -1.10
C LEU B 421 22.49 -3.33 -1.06
N ALA B 422 21.54 -3.09 -1.93
CA ALA B 422 20.77 -1.83 -1.96
C ALA B 422 19.36 -2.12 -1.42
N SER B 423 18.96 -1.38 -0.40
CA SER B 423 17.65 -1.58 0.27
C SER B 423 16.67 -0.49 -0.12
N TYR B 424 15.49 -0.91 -0.56
CA TYR B 424 14.32 -0.04 -0.81
C TYR B 424 13.20 -0.59 0.07
N ASP B 425 12.57 0.30 0.80
CA ASP B 425 11.49 -0.12 1.73
C ASP B 425 10.41 0.97 1.78
N ASP B 426 9.30 0.57 2.36
CA ASP B 426 8.21 1.41 2.89
C ASP B 426 7.13 1.64 1.82
N MET B 427 5.91 1.84 2.31
CA MET B 427 4.73 2.09 1.46
C MET B 427 5.00 3.27 0.53
N GLN B 428 5.77 4.25 1.00
CA GLN B 428 6.07 5.44 0.19
C GLN B 428 6.65 5.01 -1.16
N TYR B 429 7.51 4.01 -1.14
CA TYR B 429 8.40 3.73 -2.29
C TYR B 429 8.03 2.47 -3.09
N VAL B 430 7.06 1.67 -2.65
CA VAL B 430 6.79 0.39 -3.37
C VAL B 430 6.44 0.66 -4.84
N GLN B 431 5.64 1.68 -5.13
CA GLN B 431 5.26 1.95 -6.54
C GLN B 431 6.46 2.50 -7.34
N PHE B 432 7.39 3.16 -6.67
CA PHE B 432 8.64 3.66 -7.28
C PHE B 432 9.42 2.47 -7.82
N TRP B 433 9.69 1.47 -6.99
CA TRP B 433 10.62 0.38 -7.41
C TRP B 433 9.94 -0.59 -8.37
N GLN B 434 8.61 -0.75 -8.29
CA GLN B 434 7.94 -1.83 -9.03
C GLN B 434 8.11 -1.62 -10.53
N GLU B 435 8.09 -0.40 -11.02
CA GLU B 435 8.13 -0.24 -12.50
C GLU B 435 9.56 -0.47 -13.03
N LEU B 436 10.57 -0.44 -12.17
CA LEU B 436 11.94 -0.80 -12.56
C LEU B 436 12.08 -2.29 -12.79
N GLU B 437 11.09 -3.10 -12.46
CA GLU B 437 11.19 -4.60 -12.54
C GLU B 437 10.91 -5.12 -13.94
N ILE B 438 10.46 -4.25 -14.84
CA ILE B 438 10.09 -4.62 -16.23
C ILE B 438 10.99 -3.81 -17.15
N ASP B 439 11.45 -4.46 -18.21
CA ASP B 439 12.36 -3.81 -19.17
C ASP B 439 11.66 -2.60 -19.78
N VAL B 440 12.43 -1.57 -20.06
CA VAL B 440 11.89 -0.29 -20.61
C VAL B 440 11.39 -0.52 -22.04
N GLY B 441 11.79 -1.61 -22.68
CA GLY B 441 11.28 -1.98 -24.02
C GLY B 441 10.03 -2.84 -23.97
N GLU B 442 9.51 -3.20 -22.79
CA GLU B 442 8.46 -4.22 -22.63
C GLU B 442 7.26 -3.69 -21.85
N ARG B 443 6.12 -4.26 -22.19
CA ARG B 443 4.86 -4.12 -21.43
C ARG B 443 4.90 -5.16 -20.29
N ARG B 444 4.07 -4.93 -19.28
CA ARG B 444 3.87 -5.93 -18.24
C ARG B 444 3.17 -7.15 -18.85
N LYS B 445 3.56 -8.34 -18.41
CA LYS B 445 3.06 -9.63 -18.95
C LYS B 445 2.35 -10.45 -17.87
N VAL B 446 2.73 -10.28 -16.60
CA VAL B 446 2.21 -11.12 -15.49
C VAL B 446 1.41 -10.22 -14.58
N PRO B 447 0.13 -10.52 -14.30
CA PRO B 447 -0.62 -9.72 -13.35
C PRO B 447 0.16 -9.63 -12.04
N ILE B 448 0.23 -8.46 -11.44
CA ILE B 448 1.16 -8.19 -10.31
C ILE B 448 0.89 -9.15 -9.15
N ASP B 449 -0.37 -9.43 -8.85
CA ASP B 449 -0.74 -10.28 -7.70
C ASP B 449 -0.37 -11.73 -7.97
N GLN B 450 0.00 -12.12 -9.19
CA GLN B 450 0.33 -13.51 -9.59
C GLN B 450 1.81 -13.63 -9.94
N ASP B 451 2.60 -12.61 -9.69
CA ASP B 451 4.05 -12.68 -9.96
C ASP B 451 4.74 -13.14 -8.69
N TYR B 452 4.95 -14.42 -8.53
CA TYR B 452 5.53 -14.96 -7.28
C TYR B 452 7.06 -14.98 -7.34
N GLN B 453 7.66 -13.82 -7.54
CA GLN B 453 9.07 -13.63 -7.92
C GLN B 453 10.01 -14.14 -6.83
N VAL B 454 9.76 -13.78 -5.57
CA VAL B 454 10.72 -14.21 -4.49
C VAL B 454 10.58 -15.71 -4.28
N LEU B 455 9.39 -16.26 -4.44
CA LEU B 455 9.15 -17.70 -4.28
C LEU B 455 10.06 -18.47 -5.24
N PHE B 456 10.19 -17.97 -6.45
CA PHE B 456 11.06 -18.62 -7.47
C PHE B 456 12.56 -18.35 -7.23
N GLY B 457 12.95 -17.12 -6.94
CA GLY B 457 14.35 -16.79 -6.70
C GLY B 457 14.66 -15.39 -7.19
N PRO B 458 15.80 -14.82 -6.77
CA PRO B 458 16.14 -13.45 -7.15
C PRO B 458 16.10 -13.33 -8.67
N ARG B 459 15.42 -12.30 -9.13
CA ARG B 459 15.20 -12.05 -10.57
C ARG B 459 16.28 -11.14 -11.12
N LYS B 460 16.72 -11.44 -12.35
CA LYS B 460 17.68 -10.58 -13.05
C LYS B 460 17.22 -9.12 -13.02
N ALA B 461 18.09 -8.24 -12.56
CA ALA B 461 17.81 -6.78 -12.61
C ALA B 461 17.77 -6.29 -14.04
N THR B 462 16.78 -5.48 -14.34
CA THR B 462 16.70 -4.82 -15.66
C THR B 462 17.82 -3.78 -15.79
N ASP B 463 18.09 -3.40 -17.05
CA ASP B 463 19.09 -2.36 -17.30
C ASP B 463 18.65 -1.07 -16.59
N THR B 464 17.36 -0.74 -16.62
CA THR B 464 16.82 0.47 -15.96
C THR B 464 17.06 0.39 -14.45
N MET B 465 16.82 -0.80 -13.89
CA MET B 465 17.00 -1.02 -12.44
C MET B 465 18.47 -0.84 -12.09
N ILE B 466 19.40 -1.46 -12.81
CA ILE B 466 20.84 -1.27 -12.55
C ILE B 466 21.21 0.20 -12.66
N ARG B 467 20.76 0.89 -13.72
CA ARG B 467 21.19 2.26 -13.94
C ARG B 467 20.67 3.17 -12.83
N MET B 468 19.46 2.94 -12.38
CA MET B 468 18.89 3.67 -11.23
C MET B 468 19.73 3.46 -9.97
N VAL B 469 20.11 2.21 -9.67
CA VAL B 469 20.95 1.97 -8.48
C VAL B 469 22.28 2.68 -8.68
N LEU B 470 22.92 2.58 -9.85
CA LEU B 470 24.23 3.24 -10.07
C LEU B 470 24.11 4.76 -10.00
N LEU B 471 23.00 5.34 -10.46
CA LEU B 471 22.75 6.81 -10.35
C LEU B 471 22.68 7.15 -8.87
N GLU B 472 21.93 6.37 -8.08
CA GLU B 472 21.78 6.74 -6.65
C GLU B 472 23.14 6.55 -5.98
N LEU B 473 23.88 5.48 -6.25
CA LEU B 473 25.20 5.29 -5.60
C LEU B 473 26.18 6.39 -6.03
N ALA B 474 26.03 6.91 -7.23
CA ALA B 474 26.89 8.03 -7.70
C ALA B 474 26.60 9.29 -6.88
N LYS B 475 25.31 9.57 -6.59
CA LYS B 475 24.92 10.74 -5.76
C LYS B 475 25.49 10.51 -4.35
N VAL B 476 25.34 9.32 -3.82
CA VAL B 476 25.80 9.01 -2.46
C VAL B 476 27.31 9.22 -2.38
N HIS B 477 28.10 8.59 -3.27
CA HIS B 477 29.56 8.50 -3.08
C HIS B 477 30.32 9.65 -3.78
N TRP B 478 29.76 10.28 -4.80
CA TRP B 478 30.38 11.45 -5.49
C TRP B 478 29.62 12.77 -5.27
N GLY B 479 28.30 12.73 -5.07
CA GLY B 479 27.48 13.97 -5.06
C GLY B 479 27.26 14.51 -6.46
N ASP B 480 27.44 13.68 -7.47
CA ASP B 480 27.25 14.08 -8.88
C ASP B 480 26.63 12.90 -9.61
N PRO B 481 25.39 13.03 -10.11
CA PRO B 481 24.77 11.93 -10.84
C PRO B 481 25.60 11.48 -12.06
N ASN B 482 26.35 12.39 -12.71
CA ASN B 482 27.22 12.08 -13.88
C ASN B 482 28.35 11.12 -13.48
N ALA B 483 28.70 11.01 -12.19
CA ALA B 483 29.71 10.04 -11.74
C ALA B 483 29.23 8.60 -11.91
N ALA B 484 27.97 8.31 -12.24
CA ALA B 484 27.51 6.94 -12.43
C ALA B 484 28.39 6.28 -13.50
N HIS B 485 28.90 7.07 -14.44
CA HIS B 485 29.83 6.58 -15.51
C HIS B 485 31.11 6.03 -14.90
N GLN B 486 31.49 6.40 -13.67
CA GLN B 486 32.77 5.95 -13.06
C GLN B 486 32.54 4.57 -12.41
N ILE B 487 31.29 4.17 -12.18
CA ILE B 487 31.01 2.89 -11.46
C ILE B 487 31.08 1.80 -12.50
N PRO B 488 31.89 0.73 -12.29
CA PRO B 488 31.90 -0.37 -13.22
C PRO B 488 30.56 -1.11 -13.21
N TRP B 489 30.19 -1.61 -14.37
CA TRP B 489 28.89 -2.30 -14.53
C TRP B 489 28.93 -3.58 -13.74
N PRO B 490 27.88 -3.95 -13.00
CA PRO B 490 27.93 -5.17 -12.22
C PRO B 490 28.10 -6.39 -13.11
N VAL B 491 28.81 -7.37 -12.57
CA VAL B 491 28.98 -8.68 -13.25
C VAL B 491 27.73 -9.52 -13.06
N GLU B 492 26.92 -9.20 -12.02
CA GLU B 492 25.61 -9.84 -11.81
C GLU B 492 24.78 -8.85 -11.00
N ALA B 493 23.52 -8.71 -11.36
CA ALA B 493 22.60 -7.93 -10.51
C ALA B 493 21.24 -8.59 -10.54
N ILE B 494 20.64 -8.77 -9.35
CA ILE B 494 19.34 -9.45 -9.18
C ILE B 494 18.58 -8.75 -8.07
N PHE B 495 17.28 -9.00 -7.99
CA PHE B 495 16.43 -8.36 -6.98
C PHE B 495 15.46 -9.36 -6.39
N ASN B 496 15.01 -8.99 -5.19
CA ASN B 496 13.88 -9.66 -4.51
C ASN B 496 12.87 -8.59 -4.08
N ASP B 497 11.64 -8.70 -4.57
CA ASP B 497 10.55 -7.76 -4.22
C ASP B 497 9.61 -8.47 -3.28
N PHE B 498 9.79 -8.24 -1.98
CA PHE B 498 9.03 -8.95 -0.95
C PHE B 498 7.58 -8.47 -0.87
N SER B 499 7.24 -7.34 -1.51
CA SER B 499 5.83 -6.90 -1.51
C SER B 499 4.96 -7.86 -2.34
N LEU B 500 5.54 -8.65 -3.22
CA LEU B 500 4.79 -9.53 -4.12
C LEU B 500 4.28 -10.75 -3.38
N ASN B 501 3.17 -11.29 -3.86
CA ASN B 501 2.66 -12.56 -3.27
C ASN B 501 3.72 -13.63 -3.44
N PRO B 502 3.72 -14.68 -2.59
CA PRO B 502 2.80 -14.84 -1.47
C PRO B 502 3.22 -14.16 -0.16
N PHE B 503 4.35 -13.44 -0.16
CA PHE B 503 4.94 -12.82 1.04
C PHE B 503 4.16 -11.54 1.38
N GLY B 504 3.94 -10.66 0.41
CA GLY B 504 3.09 -9.49 0.61
C GLY B 504 3.67 -8.47 1.55
N ALA B 505 4.92 -8.61 1.92
CA ALA B 505 5.57 -7.78 2.94
C ALA B 505 7.03 -8.22 3.10
N GLY B 506 7.94 -7.29 3.28
CA GLY B 506 9.22 -7.65 3.92
C GLY B 506 9.05 -7.97 5.39
N TYR B 507 8.36 -7.08 6.10
CA TYR B 507 8.22 -7.11 7.55
C TYR B 507 6.78 -6.89 7.97
N HIS B 508 6.45 -7.49 9.13
CA HIS B 508 5.19 -7.22 9.85
C HIS B 508 5.56 -6.48 11.13
N ALA B 509 4.67 -5.63 11.60
CA ALA B 509 4.81 -4.87 12.87
C ALA B 509 3.47 -4.85 13.59
N TRP B 510 3.48 -5.06 14.91
CA TRP B 510 2.23 -4.97 15.68
C TRP B 510 1.51 -3.65 15.41
N ALA B 511 0.19 -3.72 15.23
CA ALA B 511 -0.67 -2.55 14.97
C ALA B 511 -1.02 -1.87 16.29
N ALA B 512 -1.18 -0.56 16.23
CA ALA B 512 -1.95 0.22 17.20
C ALA B 512 -3.35 -0.38 17.33
N HIS B 513 -3.99 -0.14 18.48
CA HIS B 513 -5.38 -0.54 18.79
C HIS B 513 -5.51 -2.06 18.87
N TYR B 514 -4.44 -2.71 19.28
CA TYR B 514 -4.43 -4.17 19.59
C TYR B 514 -3.76 -4.36 20.94
N ASP B 515 -4.28 -5.35 21.67
CA ASP B 515 -3.64 -5.94 22.87
C ASP B 515 -2.69 -6.99 22.35
N ILE B 516 -1.44 -6.62 22.14
CA ILE B 516 -0.45 -7.50 21.44
C ILE B 516 -0.37 -8.85 22.14
N CYS B 517 -0.29 -8.86 23.45
CA CYS B 517 -0.10 -10.17 24.13
C CYS B 517 -1.28 -11.10 23.82
N ASP B 518 -2.49 -10.56 23.71
CA ASP B 518 -3.70 -11.37 23.53
C ASP B 518 -3.67 -11.94 22.10
N VAL B 519 -3.22 -11.15 21.12
CA VAL B 519 -3.12 -11.65 19.73
C VAL B 519 -2.03 -12.73 19.69
N MET B 520 -0.89 -12.45 20.28
CA MET B 520 0.23 -13.44 20.27
C MET B 520 -0.25 -14.74 20.91
N GLN B 521 -0.95 -14.69 22.05
CA GLN B 521 -1.45 -15.90 22.74
C GLN B 521 -2.52 -16.61 21.91
N ARG B 522 -3.52 -15.89 21.39
CA ARG B 522 -4.78 -16.53 20.98
C ARG B 522 -4.80 -16.79 19.48
N ILE B 523 -4.03 -16.08 18.67
CA ILE B 523 -4.12 -16.27 17.20
C ILE B 523 -3.48 -17.61 16.85
N ARG B 524 -2.62 -18.17 17.70
CA ARG B 524 -1.89 -19.39 17.33
C ARG B 524 -2.86 -20.56 17.10
N GLN B 525 -3.92 -20.66 17.91
CA GLN B 525 -4.93 -21.76 17.79
C GLN B 525 -6.25 -21.05 17.54
N PRO B 526 -6.52 -20.69 16.27
CA PRO B 526 -7.62 -19.78 15.97
C PRO B 526 -9.01 -20.29 16.38
N THR B 527 -9.20 -21.60 16.67
CA THR B 527 -10.49 -22.06 17.20
C THR B 527 -10.80 -21.29 18.49
N GLY B 528 -9.78 -20.86 19.24
CA GLY B 528 -9.95 -20.14 20.50
C GLY B 528 -10.59 -18.78 20.30
N LEU B 529 -10.58 -18.27 19.07
CA LEU B 529 -11.17 -16.96 18.74
C LEU B 529 -12.61 -17.12 18.24
N VAL B 530 -13.12 -18.33 18.19
CA VAL B 530 -14.52 -18.60 17.76
C VAL B 530 -15.31 -19.08 18.96
N PRO B 531 -16.16 -18.22 19.55
CA PRO B 531 -16.95 -18.68 20.69
C PRO B 531 -17.74 -19.96 20.35
N GLY B 532 -17.59 -20.95 21.21
CA GLY B 532 -18.34 -22.22 21.09
C GLY B 532 -17.73 -23.20 20.11
N ALA B 533 -16.62 -22.88 19.44
CA ALA B 533 -15.97 -23.79 18.48
C ALA B 533 -15.34 -24.92 19.27
N THR B 534 -15.38 -26.14 18.74
CA THR B 534 -14.53 -27.29 19.21
C THR B 534 -13.07 -26.94 18.94
N ALA B 535 -12.20 -27.13 19.93
CA ALA B 535 -10.74 -26.97 19.77
C ALA B 535 -10.28 -27.89 18.64
N ALA B 536 -9.41 -27.37 17.79
CA ALA B 536 -8.72 -28.14 16.75
C ALA B 536 -7.23 -27.83 16.80
N ASN B 537 -6.40 -28.81 16.54
CA ASN B 537 -4.93 -28.62 16.40
C ASN B 537 -4.64 -28.09 14.99
N LEU B 538 -5.15 -26.88 14.76
CA LEU B 538 -4.81 -26.04 13.58
C LEU B 538 -4.13 -24.79 14.13
N PHE B 539 -2.91 -24.55 13.71
CA PHE B 539 -2.10 -23.46 14.29
C PHE B 539 -1.61 -22.52 13.19
N ILE B 540 -1.49 -21.27 13.62
CA ILE B 540 -0.81 -20.22 12.82
C ILE B 540 0.54 -19.93 13.49
N ILE B 541 1.62 -20.08 12.77
CA ILE B 541 2.99 -19.82 13.29
C ILE B 541 3.83 -19.08 12.24
N GLY B 542 4.94 -18.51 12.69
CA GLY B 542 5.80 -17.64 11.88
C GLY B 542 6.18 -16.37 12.59
N GLU B 543 6.97 -15.54 11.96
CA GLU B 543 7.48 -14.32 12.63
C GLU B 543 6.34 -13.31 12.78
N ALA B 544 5.31 -13.32 11.94
CA ALA B 544 4.39 -12.16 11.87
C ALA B 544 3.68 -11.87 13.19
N TYR B 545 3.26 -12.89 13.93
CA TYR B 545 2.50 -12.71 15.21
C TYR B 545 3.42 -13.05 16.40
N SER B 546 4.73 -12.92 16.21
CA SER B 546 5.77 -13.18 17.24
C SER B 546 6.09 -11.92 18.02
N ASN B 547 6.96 -12.08 19.04
CA ASN B 547 7.57 -10.97 19.81
C ASN B 547 8.92 -10.58 19.22
N ASP B 548 9.27 -11.13 18.07
CA ASP B 548 10.58 -10.88 17.41
C ASP B 548 10.33 -10.75 15.90
N GLN B 549 9.49 -9.80 15.52
CA GLN B 549 9.02 -9.71 14.12
C GLN B 549 10.15 -9.39 13.14
N ALA B 550 11.26 -8.80 13.56
CA ALA B 550 12.27 -8.56 12.49
C ALA B 550 13.10 -9.81 12.14
N TRP B 551 12.79 -10.98 12.69
CA TRP B 551 13.86 -11.99 12.91
C TRP B 551 13.33 -13.41 12.73
N VAL B 552 14.14 -14.26 12.16
CA VAL B 552 13.93 -15.72 12.23
C VAL B 552 13.59 -16.14 13.66
N GLU B 553 14.18 -15.51 14.68
CA GLU B 553 13.87 -15.84 16.09
C GLU B 553 12.37 -15.86 16.29
N GLY B 554 11.63 -14.94 15.71
CA GLY B 554 10.20 -14.91 15.99
C GLY B 554 9.46 -16.11 15.36
N ALA B 555 9.92 -16.59 14.21
CA ALA B 555 9.32 -17.75 13.56
C ALA B 555 9.59 -18.98 14.44
N PHE B 556 10.79 -19.08 14.97
CA PHE B 556 11.12 -20.21 15.85
C PHE B 556 10.31 -20.09 17.14
N CYS B 557 10.24 -18.91 17.75
CA CYS B 557 9.54 -18.76 19.05
C CYS B 557 8.05 -19.06 18.95
N THR B 558 7.32 -18.61 17.93
CA THR B 558 5.88 -18.96 17.81
C THR B 558 5.76 -20.47 17.63
N ALA B 559 6.59 -21.05 16.77
CA ALA B 559 6.58 -22.52 16.54
C ALA B 559 6.84 -23.24 17.86
N GLU B 560 7.89 -22.84 18.58
CA GLU B 560 8.23 -23.46 19.90
C GLU B 560 7.04 -23.33 20.85
N SER B 561 6.38 -22.16 20.89
CA SER B 561 5.30 -21.90 21.86
C SER B 561 4.13 -22.85 21.60
N VAL B 562 3.86 -23.16 20.33
CA VAL B 562 2.78 -24.08 19.94
C VAL B 562 3.19 -25.49 20.39
N LEU B 563 4.42 -25.91 20.16
CA LEU B 563 4.87 -27.26 20.57
C LEU B 563 4.76 -27.37 22.08
N VAL B 564 5.16 -26.35 22.83
CA VAL B 564 5.04 -26.37 24.31
C VAL B 564 3.57 -26.36 24.70
N ASP B 565 2.77 -25.39 24.26
CA ASP B 565 1.43 -25.13 24.83
C ASP B 565 0.41 -26.18 24.36
N TYR B 566 0.55 -26.69 23.14
CA TYR B 566 -0.51 -27.51 22.50
C TYR B 566 -0.07 -28.95 22.27
N TYR B 567 1.22 -29.27 22.42
CA TYR B 567 1.76 -30.63 22.31
C TYR B 567 2.55 -31.01 23.56
N GLY B 568 2.49 -30.19 24.59
CA GLY B 568 3.13 -30.48 25.89
C GLY B 568 4.61 -30.78 25.79
N MET B 569 5.30 -30.32 24.74
CA MET B 569 6.76 -30.60 24.61
C MET B 569 7.57 -29.77 25.60
N THR B 570 8.74 -30.28 25.99
CA THR B 570 9.72 -29.56 26.80
C THR B 570 10.47 -28.59 25.90
N THR B 571 10.47 -27.31 26.24
CA THR B 571 11.23 -26.33 25.43
C THR B 571 12.74 -26.59 25.50
N ILE B 572 13.45 -26.35 24.40
CA ILE B 572 14.93 -26.31 24.38
C ILE B 572 15.48 -25.00 24.96
N ALA B 573 14.64 -24.00 25.13
CA ALA B 573 15.08 -22.66 25.58
C ALA B 573 15.09 -22.63 27.11
N ASP B 574 15.85 -21.71 27.66
CA ASP B 574 15.67 -21.32 29.07
C ASP B 574 14.74 -20.12 29.01
N THR B 575 13.48 -20.30 29.42
CA THR B 575 12.46 -19.24 29.30
C THR B 575 12.38 -18.43 30.60
N THR B 576 13.22 -18.75 31.60
CA THR B 576 13.07 -18.08 32.92
C THR B 576 12.99 -16.55 32.74
N ASN B 577 13.86 -15.96 31.91
CA ASN B 577 13.89 -14.50 31.63
C ASN B 577 13.53 -14.23 30.17
N TYR B 578 13.01 -15.23 29.48
CA TYR B 578 12.84 -15.18 28.00
C TYR B 578 11.52 -15.86 27.63
N PRO B 579 10.39 -15.17 27.83
CA PRO B 579 9.11 -15.68 27.35
C PRO B 579 9.15 -15.87 25.83
N LEU B 580 8.82 -17.06 25.35
CA LEU B 580 8.86 -17.28 23.87
C LEU B 580 7.95 -16.26 23.17
N ILE B 581 6.76 -16.08 23.71
CA ILE B 581 5.84 -14.98 23.30
C ILE B 581 5.40 -14.33 24.61
N CYS B 582 4.82 -13.16 24.53
CA CYS B 582 4.34 -12.45 25.73
C CYS B 582 3.18 -13.20 26.37
N ALA B 583 3.18 -13.28 27.70
CA ALA B 583 1.99 -13.66 28.48
C ALA B 583 1.15 -12.41 28.68
N CYS B 584 -0.17 -12.51 28.90
CA CYS B 584 -0.95 -11.36 29.38
C CYS B 584 -1.00 -11.51 30.92
#